data_3VXM
#
_entry.id   3VXM
#
_cell.length_a   50.117
_cell.length_b   86.489
_cell.length_c   234.580
_cell.angle_alpha   90.00
_cell.angle_beta   90.00
_cell.angle_gamma   90.00
#
_symmetry.space_group_name_H-M   'P 21 21 21'
#
loop_
_entity.id
_entity.type
_entity.pdbx_description
1 polymer 'HLA class I histocompatibility antigen, A-24 alpha chain'
2 polymer Beta-2-microglobulin
3 polymer '10-mer peptide from Protein Nef'
4 polymer 'C1-28 TCR alpha chain'
5 polymer 'C1-28 TCR beta chain'
6 non-polymer 'COBALT (II) ION'
7 water water
#
loop_
_entity_poly.entity_id
_entity_poly.type
_entity_poly.pdbx_seq_one_letter_code
_entity_poly.pdbx_strand_id
1 'polypeptide(L)'
;MGSHSMRYFSTSVSRPGRGEPRFIAVGYVDDTQFVRFDSDAASQRMEPRAPWIEQEGPEYWDEETGKVKAHSQTDRENLR
IALRYYNQSEAGSHTLQMMFGCDVGSDGRFLRGYHQYAYDGKDYIALKEDLRSWTAADMAAQITKRKWEAAHVAEQQRAY
LEGTCVDGLRRYLENGKETLQRTDPPKTHMTHHPISDHEATLRCWALGFYPAEITLTWQRDGEDQTQDTELVETRPAGDG
TFQKWAAVVVPSGEEQRYTCHVQHEGLPKPLTLRW
;
A
2 'polypeptide(L)'
;MIQRTPKIQVYSRHPAENGKSNFLNCYVSGFHPSDIEVDLLKNGERIEKVEHSDLSFSKDWSFYLLYYTEFTPTEKDEYA
CRVNHVTLSQPKIVKWDRDM
;
B
3 'polypeptide(L)' RFPLTFGWCF C
4 'polypeptide(L)'
;MAQSVTQPDIHITVSEGASLELRCNYSYGATPYLFWYVQSPGQGLQLLLKYFSGDTLVQGIKGFEAEFKRSQSSFNLRKP
SVHWSDAAEYFCAVGAPSGAGSYQLTFGKGTKLSVIPNIQNPDPAVYQLRDSKSSDKSVCLFTDFDSQTNVSQSKDSDVY
ITDKCVLDMRSMDFKSNSAVAWSNKSDFACANAFNNSIIPEDTFFPSPESS
;
D
5 'polypeptide(L)'
;MDTEVTQTPKHLVMGMTNKKSLKCEQHMGHRAMYWYKQKAKKPPELMFVYSYEKLSINESVPSRFSPECPNSSLLNLHLH
ALQPEDSALYLCASSPTSGIYEQYFGPGTRLTVTEDLKNVFPPEVAVFEPSEAEISHTQKATLVCLATGFYPDHVELSWW
VNGKEVHSGVCTDPQPLKEQPALNDSRYALSSRLRVSATFWQNPRNHFRCQVQFYGLSENDEWTQDRAKPVTQIVSAEAW
GRAD
;
E
#
loop_
_chem_comp.id
_chem_comp.type
_chem_comp.name
_chem_comp.formula
CO non-polymer 'COBALT (II) ION' 'Co 2'
#
# COMPACT_ATOMS: atom_id res chain seq x y z
N GLY A 2 19.33 15.25 24.75
CA GLY A 2 19.78 14.28 25.84
C GLY A 2 19.43 12.89 25.34
N SER A 3 19.25 11.92 26.24
CA SER A 3 18.73 10.58 25.90
C SER A 3 17.18 10.50 25.74
N HIS A 4 16.66 9.69 24.80
CA HIS A 4 15.28 9.90 24.30
C HIS A 4 14.48 8.71 23.79
N SER A 5 13.16 8.90 23.73
CA SER A 5 12.25 7.88 23.24
C SER A 5 11.10 8.44 22.41
N MET A 6 10.64 7.63 21.47
CA MET A 6 9.35 7.84 20.84
C MET A 6 8.42 6.66 21.10
N ARG A 7 7.18 6.94 21.46
CA ARG A 7 6.19 5.90 21.69
C ARG A 7 4.84 6.21 21.05
N TYR A 8 4.21 5.15 20.52
CA TYR A 8 2.82 5.20 20.13
C TYR A 8 1.99 4.24 20.97
N PHE A 9 0.79 4.69 21.33
CA PHE A 9 -0.19 3.85 22.03
C PHE A 9 -1.50 3.82 21.26
N SER A 10 -2.12 2.65 21.15
CA SER A 10 -3.48 2.58 20.67
C SER A 10 -4.33 1.70 21.55
N THR A 11 -5.61 2.05 21.63
CA THR A 11 -6.56 1.32 22.42
C THR A 11 -7.79 1.14 21.55
N SER A 12 -8.16 -0.11 21.34
CA SER A 12 -9.40 -0.44 20.65
C SER A 12 -10.40 -1.02 21.64
N VAL A 13 -11.62 -0.49 21.66
CA VAL A 13 -12.65 -1.01 22.54
C VAL A 13 -13.91 -1.38 21.77
N SER A 14 -14.19 -2.68 21.68
CA SER A 14 -15.41 -3.15 21.03
C SER A 14 -16.63 -2.74 21.84
N ARG A 15 -17.71 -2.46 21.13
CA ARG A 15 -18.94 -2.03 21.76
C ARG A 15 -20.12 -2.60 20.98
N PRO A 16 -20.27 -3.94 21.01
CA PRO A 16 -21.16 -4.65 20.10
C PRO A 16 -22.57 -4.04 20.14
N GLY A 17 -23.11 -3.75 18.96
CA GLY A 17 -24.43 -3.11 18.86
C GLY A 17 -24.40 -1.59 18.90
N ARG A 18 -23.39 -1.03 19.57
CA ARG A 18 -23.17 0.41 19.59
C ARG A 18 -22.26 0.86 18.45
N GLY A 19 -22.10 0.02 17.43
CA GLY A 19 -21.26 0.36 16.28
C GLY A 19 -19.87 -0.27 16.32
N GLU A 20 -18.97 0.22 15.47
CA GLU A 20 -17.62 -0.30 15.40
C GLU A 20 -16.80 0.11 16.64
N PRO A 21 -15.65 -0.55 16.86
CA PRO A 21 -14.88 -0.28 18.08
C PRO A 21 -14.37 1.16 18.18
N ARG A 22 -14.43 1.71 19.38
CA ARG A 22 -13.72 2.94 19.69
C ARG A 22 -12.22 2.68 19.49
N PHE A 23 -11.58 3.52 18.69
CA PHE A 23 -10.14 3.44 18.48
C PHE A 23 -9.51 4.79 18.79
N ILE A 24 -8.47 4.76 19.62
CA ILE A 24 -7.76 5.98 20.03
C ILE A 24 -6.26 5.71 20.05
N ALA A 25 -5.51 6.51 19.31
CA ALA A 25 -4.06 6.39 19.27
C ALA A 25 -3.38 7.70 19.64
N VAL A 26 -2.25 7.60 20.34
CA VAL A 26 -1.49 8.79 20.69
C VAL A 26 -0.01 8.56 20.43
N GLY A 27 0.71 9.62 20.06
CA GLY A 27 2.14 9.54 19.90
C GLY A 27 2.85 10.45 20.89
N TYR A 28 3.94 9.93 21.45
CA TYR A 28 4.78 10.66 22.41
C TYR A 28 6.23 10.74 21.96
N VAL A 29 6.84 11.90 22.18
CA VAL A 29 8.31 11.97 22.25
C VAL A 29 8.67 12.29 23.69
N ASP A 30 9.45 11.41 24.31
CA ASP A 30 9.63 11.44 25.76
C ASP A 30 8.27 11.59 26.46
N ASP A 31 8.10 12.62 27.27
CA ASP A 31 6.84 12.82 27.96
C ASP A 31 5.95 13.86 27.30
N THR A 32 6.22 14.16 26.04
CA THR A 32 5.46 15.18 25.33
C THR A 32 4.62 14.54 24.24
N GLN A 33 3.30 14.64 24.38
CA GLN A 33 2.39 14.15 23.37
C GLN A 33 2.43 15.06 22.14
N PHE A 34 2.43 14.48 20.94
CA PHE A 34 2.52 15.28 19.72
C PHE A 34 1.47 15.02 18.64
N VAL A 35 0.93 13.80 18.59
CA VAL A 35 -0.18 13.48 17.68
C VAL A 35 -1.27 12.70 18.39
N ARG A 36 -2.46 12.67 17.79
CA ARG A 36 -3.56 11.84 18.27
C ARG A 36 -4.45 11.45 17.10
N PHE A 37 -5.18 10.34 17.27
CA PHE A 37 -6.28 9.99 16.38
C PHE A 37 -7.41 9.30 17.16
N ASP A 38 -8.64 9.75 16.90
CA ASP A 38 -9.84 9.25 17.59
C ASP A 38 -10.88 8.91 16.52
N SER A 39 -11.25 7.64 16.44
CA SER A 39 -12.20 7.18 15.40
C SER A 39 -13.59 7.82 15.53
N ASP A 40 -13.89 8.37 16.70
CA ASP A 40 -15.19 9.01 16.90
C ASP A 40 -15.16 10.52 16.63
N ALA A 41 -13.97 11.06 16.34
CA ALA A 41 -13.84 12.49 16.08
C ALA A 41 -14.28 12.86 14.66
N ALA A 42 -14.64 14.13 14.47
CA ALA A 42 -15.23 14.60 13.21
C ALA A 42 -14.22 14.57 12.06
N SER A 43 -12.98 14.91 12.37
CA SER A 43 -11.98 15.19 11.34
C SER A 43 -11.57 13.94 10.59
N GLN A 44 -11.59 12.80 11.28
CA GLN A 44 -11.00 11.56 10.76
C GLN A 44 -9.58 11.76 10.24
N ARG A 45 -8.75 12.44 11.03
CA ARG A 45 -7.38 12.76 10.66
C ARG A 45 -6.45 12.55 11.85
N MET A 46 -5.20 12.18 11.59
CA MET A 46 -4.18 12.36 12.62
C MET A 46 -4.10 13.85 12.92
N GLU A 47 -4.10 14.21 14.20
CA GLU A 47 -4.10 15.62 14.58
C GLU A 47 -2.90 16.03 15.44
N PRO A 48 -2.41 17.26 15.25
CA PRO A 48 -1.27 17.73 16.02
C PRO A 48 -1.63 17.96 17.50
N ARG A 49 -0.69 17.72 18.40
CA ARG A 49 -0.89 17.97 19.82
C ARG A 49 0.29 18.70 20.45
N ALA A 50 1.32 18.95 19.65
CA ALA A 50 2.45 19.80 20.05
C ALA A 50 2.77 20.76 18.90
N PRO A 51 3.20 21.99 19.22
CA PRO A 51 3.34 23.01 18.18
C PRO A 51 4.41 22.66 17.14
N TRP A 52 5.49 22.01 17.56
CA TRP A 52 6.58 21.73 16.63
C TRP A 52 6.22 20.72 15.57
N ILE A 53 5.16 19.93 15.81
CA ILE A 53 4.71 18.97 14.80
C ILE A 53 3.92 19.64 13.67
N GLU A 54 3.47 20.88 13.91
CA GLU A 54 2.78 21.66 12.88
C GLU A 54 3.74 22.22 11.81
N GLN A 55 5.03 21.98 11.98
CA GLN A 55 6.00 22.23 10.91
C GLN A 55 5.83 21.25 9.75
N GLU A 56 5.29 20.06 10.00
CA GLU A 56 5.10 19.10 8.93
C GLU A 56 4.02 19.58 7.96
N GLY A 57 4.25 19.33 6.67
CA GLY A 57 3.35 19.75 5.61
C GLY A 57 2.33 18.68 5.29
N PRO A 58 1.34 19.02 4.44
CA PRO A 58 0.22 18.16 4.07
C PRO A 58 0.58 16.69 3.79
N GLU A 59 1.71 16.46 3.12
CA GLU A 59 2.11 15.09 2.75
C GLU A 59 2.31 14.21 4.00
N TYR A 60 2.85 14.80 5.07
CA TYR A 60 3.05 14.10 6.33
C TYR A 60 1.68 13.68 6.88
N TRP A 61 0.78 14.65 6.96
CA TRP A 61 -0.52 14.47 7.58
C TRP A 61 -1.34 13.49 6.82
N ASP A 62 -1.28 13.55 5.49
CA ASP A 62 -1.99 12.57 4.68
C ASP A 62 -1.48 11.16 4.95
N GLU A 63 -0.17 11.01 5.02
CA GLU A 63 0.47 9.71 5.20
C GLU A 63 0.18 9.12 6.58
N GLU A 64 0.37 9.93 7.63
CA GLU A 64 0.18 9.44 8.99
C GLU A 64 -1.29 9.12 9.23
N THR A 65 -2.17 9.89 8.59
CA THR A 65 -3.62 9.62 8.67
C THR A 65 -3.95 8.27 8.06
N GLY A 66 -3.38 8.00 6.89
CA GLY A 66 -3.63 6.74 6.21
C GLY A 66 -3.14 5.56 7.02
N LYS A 67 -1.92 5.67 7.54
CA LYS A 67 -1.32 4.57 8.27
C LYS A 67 -2.04 4.34 9.59
N VAL A 68 -2.44 5.40 10.28
CA VAL A 68 -3.17 5.20 11.52
C VAL A 68 -4.56 4.61 11.32
N LYS A 69 -5.23 5.01 10.24
CA LYS A 69 -6.55 4.46 9.94
C LYS A 69 -6.46 3.00 9.55
N ALA A 70 -5.42 2.65 8.80
CA ALA A 70 -5.15 1.26 8.46
C ALA A 70 -4.95 0.45 9.72
N HIS A 71 -4.21 1.01 10.68
CA HIS A 71 -3.97 0.29 11.91
C HIS A 71 -5.20 0.05 12.73
N SER A 72 -6.10 1.05 12.76
CA SER A 72 -7.40 0.88 13.41
C SER A 72 -8.19 -0.30 12.83
N GLN A 73 -7.99 -0.57 11.55
CA GLN A 73 -8.68 -1.68 10.88
C GLN A 73 -8.05 -3.02 11.20
N THR A 74 -6.72 -3.08 11.15
CA THR A 74 -5.96 -4.21 11.70
C THR A 74 -6.39 -4.58 13.11
N ASP A 75 -6.43 -3.62 14.03
CA ASP A 75 -6.73 -3.95 15.44
C ASP A 75 -8.19 -4.32 15.68
N ARG A 76 -9.08 -3.75 14.88
CA ARG A 76 -10.47 -4.17 14.83
C ARG A 76 -10.55 -5.65 14.48
N GLU A 77 -9.78 -6.07 13.46
CA GLU A 77 -9.74 -7.46 13.05
C GLU A 77 -9.13 -8.33 14.16
N ASN A 78 -8.12 -7.80 14.84
CA ASN A 78 -7.51 -8.47 15.98
C ASN A 78 -8.45 -8.68 17.15
N LEU A 79 -9.33 -7.72 17.41
CA LEU A 79 -10.44 -7.96 18.33
C LEU A 79 -11.29 -9.17 17.89
N ARG A 80 -11.62 -9.23 16.60
CA ARG A 80 -12.38 -10.36 16.06
C ARG A 80 -11.65 -11.68 16.27
N ILE A 81 -10.37 -11.73 15.94
CA ILE A 81 -9.60 -12.98 16.01
C ILE A 81 -9.42 -13.45 17.47
N ALA A 82 -9.24 -12.50 18.38
CA ALA A 82 -9.18 -12.81 19.80
C ALA A 82 -10.41 -13.56 20.30
N LEU A 83 -11.59 -13.14 19.85
CA LEU A 83 -12.83 -13.84 20.19
C LEU A 83 -12.79 -15.32 19.83
N ARG A 84 -12.28 -15.64 18.64
CA ARG A 84 -12.17 -17.05 18.26
C ARG A 84 -11.10 -17.84 19.03
N TYR A 85 -9.90 -17.29 19.16
CA TYR A 85 -8.83 -17.96 19.93
C TYR A 85 -9.22 -18.23 21.40
N TYR A 86 -9.84 -17.25 22.05
CA TYR A 86 -10.18 -17.40 23.46
C TYR A 86 -11.58 -17.98 23.59
N ASN A 87 -12.14 -18.39 22.46
CA ASN A 87 -13.46 -18.97 22.44
C ASN A 87 -14.51 -18.14 23.17
N GLN A 88 -14.62 -16.87 22.80
CA GLN A 88 -15.52 -15.96 23.52
C GLN A 88 -16.72 -15.54 22.70
N SER A 89 -17.78 -15.17 23.41
CA SER A 89 -19.01 -14.75 22.78
C SER A 89 -18.81 -13.48 21.94
N GLU A 90 -19.55 -13.42 20.84
CA GLU A 90 -19.44 -12.32 19.90
C GLU A 90 -20.12 -11.08 20.48
N ALA A 91 -20.73 -11.23 21.65
CA ALA A 91 -21.54 -10.17 22.26
C ALA A 91 -20.81 -9.33 23.30
N GLY A 92 -19.69 -9.83 23.83
CA GLY A 92 -18.93 -9.10 24.84
C GLY A 92 -18.23 -7.84 24.33
N SER A 93 -18.03 -6.89 25.23
CA SER A 93 -17.12 -5.77 24.97
C SER A 93 -15.72 -6.11 25.46
N HIS A 94 -14.73 -5.86 24.62
CA HIS A 94 -13.33 -6.18 24.94
C HIS A 94 -12.40 -5.10 24.55
N THR A 95 -11.17 -5.21 25.01
CA THR A 95 -10.16 -4.16 24.84
C THR A 95 -8.86 -4.73 24.29
N LEU A 96 -8.33 -4.07 23.28
CA LEU A 96 -7.02 -4.41 22.79
C LEU A 96 -6.11 -3.19 22.89
N GLN A 97 -4.94 -3.37 23.48
CA GLN A 97 -4.02 -2.28 23.68
C GLN A 97 -2.70 -2.60 23.02
N MET A 98 -2.10 -1.57 22.45
CA MET A 98 -0.85 -1.76 21.75
C MET A 98 0.13 -0.60 21.99
N MET A 99 1.39 -0.97 22.13
CA MET A 99 2.46 -0.01 22.35
C MET A 99 3.66 -0.45 21.51
N PHE A 100 4.34 0.53 20.92
CA PHE A 100 5.66 0.30 20.35
C PHE A 100 6.47 1.58 20.41
N GLY A 101 7.78 1.45 20.31
CA GLY A 101 8.65 2.61 20.15
C GLY A 101 10.12 2.28 20.18
N CYS A 102 10.92 3.34 20.14
CA CYS A 102 12.37 3.20 20.08
C CYS A 102 12.98 4.21 21.05
N ASP A 103 14.13 3.83 21.61
CA ASP A 103 14.98 4.74 22.36
C ASP A 103 16.24 5.04 21.56
N VAL A 104 16.73 6.27 21.70
CA VAL A 104 18.02 6.65 21.13
C VAL A 104 18.90 7.35 22.17
N GLY A 105 20.21 7.20 21.98
CA GLY A 105 21.19 7.83 22.84
C GLY A 105 21.24 9.33 22.60
N SER A 106 22.17 9.99 23.29
CA SER A 106 22.21 11.43 23.36
C SER A 106 22.56 12.12 22.04
N ASP A 107 23.27 11.40 21.17
CA ASP A 107 23.58 11.89 19.84
C ASP A 107 22.84 11.07 18.78
N GLY A 108 21.73 10.47 19.18
CA GLY A 108 20.80 9.86 18.23
C GLY A 108 21.07 8.41 17.87
N ARG A 109 21.97 7.75 18.59
CA ARG A 109 22.25 6.35 18.28
C ARG A 109 21.13 5.46 18.83
N PHE A 110 20.74 4.46 18.04
CA PHE A 110 19.75 3.46 18.45
C PHE A 110 20.18 2.65 19.67
N LEU A 111 19.28 2.53 20.64
CA LEU A 111 19.54 1.74 21.84
C LEU A 111 18.60 0.55 22.07
N ARG A 112 17.35 0.65 21.60
CA ARG A 112 16.27 -0.26 22.02
C ARG A 112 15.00 -0.02 21.20
N GLY A 113 14.29 -1.11 20.91
CA GLY A 113 12.95 -1.04 20.33
C GLY A 113 11.96 -1.86 21.13
N TYR A 114 10.69 -1.46 21.09
CA TYR A 114 9.64 -2.19 21.79
C TYR A 114 8.46 -2.41 20.88
N HIS A 115 7.76 -3.52 21.11
CA HIS A 115 6.45 -3.76 20.51
C HIS A 115 5.67 -4.73 21.35
N GLN A 116 4.50 -4.30 21.83
CA GLN A 116 3.70 -5.10 22.76
C GLN A 116 2.19 -4.95 22.53
N TYR A 117 1.48 -6.07 22.70
CA TYR A 117 0.01 -6.08 22.74
C TYR A 117 -0.52 -6.60 24.09
N ALA A 118 -1.62 -6.02 24.55
CA ALA A 118 -2.38 -6.60 25.67
C ALA A 118 -3.86 -6.76 25.34
N TYR A 119 -4.42 -7.90 25.74
CA TYR A 119 -5.84 -8.15 25.56
C TYR A 119 -6.56 -8.13 26.90
N ASP A 120 -7.59 -7.29 27.01
CA ASP A 120 -8.32 -7.10 28.27
C ASP A 120 -7.38 -6.87 29.46
N GLY A 121 -6.31 -6.12 29.22
CA GLY A 121 -5.44 -5.66 30.29
C GLY A 121 -4.37 -6.67 30.69
N LYS A 122 -4.31 -7.79 29.98
CA LYS A 122 -3.29 -8.82 30.23
C LYS A 122 -2.39 -8.89 29.01
N ASP A 123 -1.08 -9.05 29.27
CA ASP A 123 -0.12 -9.24 28.19
C ASP A 123 -0.59 -10.29 27.21
N TYR A 124 -0.39 -10.01 25.94
CA TYR A 124 -0.73 -10.94 24.90
C TYR A 124 0.52 -11.40 24.17
N ILE A 125 1.12 -10.52 23.37
CA ILE A 125 2.38 -10.82 22.74
C ILE A 125 3.34 -9.63 22.85
N ALA A 126 4.63 -9.93 22.96
CA ALA A 126 5.67 -8.91 23.09
C ALA A 126 6.93 -9.31 22.33
N LEU A 127 7.43 -8.42 21.51
CA LEU A 127 8.71 -8.60 20.83
C LEU A 127 9.81 -8.60 21.90
N LYS A 128 10.76 -9.53 21.78
CA LYS A 128 11.85 -9.62 22.75
C LYS A 128 12.91 -8.56 22.49
N GLU A 129 13.81 -8.36 23.45
CA GLU A 129 14.84 -7.33 23.31
C GLU A 129 15.71 -7.48 22.07
N ASP A 130 15.93 -8.72 21.64
CA ASP A 130 16.74 -9.01 20.45
C ASP A 130 16.07 -8.59 19.14
N LEU A 131 14.78 -8.27 19.22
CA LEU A 131 13.99 -7.81 18.08
C LEU A 131 13.88 -8.84 16.95
N ARG A 132 14.06 -10.11 17.27
CA ARG A 132 13.83 -11.13 16.27
C ARG A 132 12.91 -12.26 16.69
N SER A 133 12.41 -12.19 17.92
CA SER A 133 11.42 -13.15 18.38
C SER A 133 10.45 -12.57 19.42
N TRP A 134 9.53 -13.44 19.86
CA TRP A 134 8.36 -13.05 20.63
C TRP A 134 8.27 -13.82 21.90
N THR A 135 7.72 -13.18 22.93
CA THR A 135 7.19 -13.86 24.10
C THR A 135 5.67 -13.88 23.97
N ALA A 136 5.11 -15.08 23.87
CA ALA A 136 3.66 -15.26 23.91
C ALA A 136 3.19 -15.48 25.35
N ALA A 137 2.24 -14.66 25.80
CA ALA A 137 1.74 -14.78 27.16
C ALA A 137 1.05 -16.11 27.41
N ASP A 138 0.36 -16.63 26.38
CA ASP A 138 -0.44 -17.84 26.53
C ASP A 138 -0.57 -18.63 25.23
N MET A 139 -1.46 -19.62 25.23
CA MET A 139 -1.66 -20.48 24.08
C MET A 139 -2.31 -19.76 22.91
N ALA A 140 -3.20 -18.81 23.18
CA ALA A 140 -3.75 -17.98 22.12
C ALA A 140 -2.64 -17.25 21.38
N ALA A 141 -1.82 -16.52 22.12
CA ALA A 141 -0.76 -15.70 21.54
C ALA A 141 0.30 -16.56 20.86
N GLN A 142 0.36 -17.82 21.26
CA GLN A 142 1.22 -18.80 20.62
C GLN A 142 0.88 -19.01 19.13
N ILE A 143 -0.41 -19.05 18.81
CA ILE A 143 -0.84 -19.15 17.41
C ILE A 143 -0.44 -17.90 16.64
N THR A 144 -0.59 -16.74 17.26
CA THR A 144 -0.19 -15.48 16.65
C THR A 144 1.32 -15.44 16.42
N LYS A 145 2.07 -15.89 17.43
CA LYS A 145 3.53 -15.98 17.34
C LYS A 145 3.97 -16.82 16.12
N ARG A 146 3.37 -18.00 15.94
CA ARG A 146 3.73 -18.87 14.83
C ARG A 146 3.41 -18.22 13.50
N LYS A 147 2.26 -17.55 13.45
CA LYS A 147 1.79 -16.82 12.28
C LYS A 147 2.78 -15.71 11.94
N TRP A 148 3.25 -15.00 12.96
CA TRP A 148 4.16 -13.89 12.77
C TRP A 148 5.53 -14.33 12.35
N GLU A 149 5.95 -15.50 12.82
CA GLU A 149 7.23 -16.10 12.41
C GLU A 149 7.28 -16.49 10.94
N ALA A 150 6.22 -17.13 10.45
CA ALA A 150 6.19 -17.66 9.08
C ALA A 150 6.22 -16.52 8.06
N ALA A 151 5.30 -15.58 8.19
CA ALA A 151 5.48 -14.26 7.61
C ALA A 151 6.64 -13.70 8.41
N HIS A 152 7.34 -12.72 7.91
CA HIS A 152 8.55 -12.30 8.61
C HIS A 152 8.33 -11.03 9.37
N VAL A 153 7.40 -11.10 10.31
CA VAL A 153 6.91 -9.93 11.03
C VAL A 153 8.00 -9.32 11.92
N ALA A 154 8.77 -10.17 12.59
CA ALA A 154 9.86 -9.68 13.43
C ALA A 154 10.86 -8.85 12.63
N GLU A 155 11.18 -9.29 11.42
CA GLU A 155 12.14 -8.56 10.58
C GLU A 155 11.59 -7.20 10.20
N GLN A 156 10.32 -7.18 9.84
CA GLN A 156 9.70 -5.94 9.41
C GLN A 156 9.45 -4.98 10.58
N GLN A 157 9.20 -5.51 11.77
CA GLN A 157 9.14 -4.69 12.98
C GLN A 157 10.53 -4.17 13.39
N ARG A 158 11.54 -5.03 13.30
CA ARG A 158 12.90 -4.64 13.65
C ARG A 158 13.37 -3.49 12.76
N ALA A 159 13.18 -3.65 11.46
CA ALA A 159 13.65 -2.66 10.49
C ALA A 159 12.94 -1.33 10.70
N TYR A 160 11.68 -1.39 11.13
CA TYR A 160 10.97 -0.17 11.46
C TYR A 160 11.56 0.50 12.68
N LEU A 161 11.77 -0.29 13.74
CA LEU A 161 12.34 0.19 14.99
C LEU A 161 13.74 0.81 14.86
N GLU A 162 14.59 0.19 14.05
CA GLU A 162 15.97 0.67 13.87
C GLU A 162 16.07 1.74 12.78
N GLY A 163 15.08 1.77 11.89
CA GLY A 163 15.10 2.69 10.76
C GLY A 163 14.16 3.85 10.95
N THR A 164 12.94 3.71 10.45
CA THR A 164 11.96 4.79 10.45
C THR A 164 11.71 5.41 11.82
N CYS A 165 11.68 4.56 12.85
CA CYS A 165 11.43 5.03 14.21
C CYS A 165 12.54 5.98 14.70
N VAL A 166 13.79 5.56 14.52
CA VAL A 166 14.94 6.38 14.86
C VAL A 166 14.97 7.66 14.03
N ASP A 167 14.83 7.52 12.71
CA ASP A 167 14.85 8.67 11.79
C ASP A 167 13.81 9.72 12.18
N GLY A 168 12.58 9.30 12.45
CA GLY A 168 11.53 10.20 12.89
C GLY A 168 11.83 10.86 14.23
N LEU A 169 12.25 10.06 15.22
CA LEU A 169 12.62 10.58 16.54
C LEU A 169 13.69 11.66 16.43
N ARG A 170 14.76 11.38 15.68
CA ARG A 170 15.84 12.34 15.48
C ARG A 170 15.33 13.64 14.85
N ARG A 171 14.44 13.51 13.87
CA ARG A 171 13.87 14.67 13.21
C ARG A 171 12.99 15.48 14.15
N TYR A 172 12.11 14.81 14.89
CA TYR A 172 11.25 15.49 15.86
C TYR A 172 12.06 16.24 16.93
N LEU A 173 13.09 15.58 17.44
CA LEU A 173 14.03 16.18 18.40
C LEU A 173 14.64 17.49 17.90
N GLU A 174 14.99 17.53 16.61
CA GLU A 174 15.62 18.71 16.02
C GLU A 174 14.60 19.82 15.81
N ASN A 175 13.49 19.49 15.18
CA ASN A 175 12.41 20.44 14.97
C ASN A 175 11.85 21.01 16.27
N GLY A 176 11.82 20.17 17.30
CA GLY A 176 11.30 20.59 18.60
C GLY A 176 12.37 20.80 19.65
N LYS A 177 13.60 21.05 19.21
CA LYS A 177 14.73 21.21 20.12
C LYS A 177 14.45 22.22 21.25
N GLU A 178 13.84 23.35 20.90
CA GLU A 178 13.65 24.42 21.86
C GLU A 178 12.96 23.95 23.13
N THR A 179 12.07 22.98 22.98
CA THR A 179 11.25 22.53 24.10
C THR A 179 11.51 21.08 24.50
N LEU A 180 11.71 20.21 23.52
CA LEU A 180 11.97 18.78 23.80
C LEU A 180 13.36 18.54 24.38
N GLN A 181 14.29 19.43 24.06
CA GLN A 181 15.71 19.24 24.40
C GLN A 181 16.14 20.02 25.65
N ARG A 182 15.16 20.53 26.40
CA ARG A 182 15.46 21.20 27.67
C ARG A 182 14.86 20.42 28.82
N THR A 183 15.52 20.49 29.98
CA THR A 183 14.93 19.97 31.20
C THR A 183 14.44 21.13 32.04
N ASP A 184 13.30 20.94 32.70
CA ASP A 184 12.86 21.88 33.72
C ASP A 184 13.13 21.27 35.08
N PRO A 185 14.14 21.81 35.78
CA PRO A 185 14.38 21.28 37.12
C PRO A 185 13.19 21.62 38.02
N PRO A 186 12.91 20.76 39.00
CA PRO A 186 11.83 21.04 39.94
C PRO A 186 12.06 22.31 40.75
N LYS A 187 11.01 23.11 40.91
CA LYS A 187 10.95 24.16 41.90
C LYS A 187 10.50 23.53 43.21
N THR A 188 11.27 23.72 44.28
CA THR A 188 11.00 22.98 45.51
C THR A 188 10.74 23.86 46.72
N HIS A 189 9.90 23.36 47.61
CA HIS A 189 9.65 24.02 48.88
C HIS A 189 9.03 23.06 49.85
N MET A 190 9.02 23.44 51.12
CA MET A 190 8.48 22.59 52.18
C MET A 190 7.41 23.34 52.95
N THR A 191 6.35 22.65 53.35
CA THR A 191 5.35 23.27 54.20
C THR A 191 5.25 22.61 55.57
N HIS A 192 4.67 23.34 56.52
CA HIS A 192 4.55 22.92 57.90
C HIS A 192 3.11 23.07 58.29
N HIS A 193 2.49 21.98 58.72
CA HIS A 193 1.16 22.03 59.31
C HIS A 193 1.12 21.26 60.59
N PRO A 194 0.53 21.84 61.64
CA PRO A 194 0.32 21.07 62.87
C PRO A 194 -0.94 20.24 62.74
N ILE A 195 -0.88 18.98 63.18
CA ILE A 195 -2.08 18.15 63.23
C ILE A 195 -2.68 18.06 64.64
N SER A 196 -1.84 18.07 65.66
CA SER A 196 -2.30 18.16 67.04
C SER A 196 -1.40 19.09 67.84
N ASP A 197 -1.40 18.93 69.17
CA ASP A 197 -0.53 19.73 70.02
C ASP A 197 0.89 19.17 70.13
N HIS A 198 1.08 17.96 69.61
CA HIS A 198 2.39 17.31 69.68
C HIS A 198 2.81 16.65 68.38
N GLU A 199 2.12 16.97 67.30
CA GLU A 199 2.52 16.48 65.97
C GLU A 199 2.31 17.48 64.85
N ALA A 200 3.22 17.47 63.88
CA ALA A 200 3.10 18.30 62.69
C ALA A 200 3.35 17.50 61.41
N THR A 201 2.80 18.00 60.30
CA THR A 201 3.08 17.42 58.99
C THR A 201 4.08 18.29 58.25
N LEU A 202 5.16 17.66 57.79
CA LEU A 202 6.07 18.29 56.85
C LEU A 202 5.79 17.75 55.45
N ARG A 203 5.53 18.66 54.50
CA ARG A 203 5.33 18.26 53.11
C ARG A 203 6.35 18.86 52.13
N CYS A 204 7.03 17.97 51.44
CA CYS A 204 8.02 18.30 50.43
C CYS A 204 7.33 18.39 49.07
N TRP A 205 7.51 19.52 48.37
CA TRP A 205 6.92 19.72 47.05
C TRP A 205 7.96 19.82 46.00
N ALA A 206 7.72 19.18 44.85
CA ALA A 206 8.41 19.48 43.61
C ALA A 206 7.40 19.91 42.56
N LEU A 207 7.60 21.09 41.99
CA LEU A 207 6.67 21.61 41.00
C LEU A 207 7.41 22.01 39.72
N GLY A 208 6.68 22.02 38.61
CA GLY A 208 7.14 22.62 37.38
C GLY A 208 8.29 21.88 36.72
N PHE A 209 8.39 20.58 36.98
CA PHE A 209 9.49 19.81 36.38
C PHE A 209 9.14 19.09 35.07
N TYR A 210 10.15 19.01 34.20
CA TYR A 210 10.11 18.15 33.02
C TYR A 210 11.50 17.58 32.77
N PRO A 211 11.60 16.27 32.53
CA PRO A 211 10.53 15.28 32.43
C PRO A 211 9.96 14.79 33.76
N ALA A 212 9.05 13.80 33.67
CA ALA A 212 8.28 13.32 34.80
C ALA A 212 9.08 12.51 35.83
N GLU A 213 10.09 11.78 35.38
CA GLU A 213 10.88 10.96 36.30
C GLU A 213 11.48 11.82 37.42
N ILE A 214 11.13 11.48 38.66
CA ILE A 214 11.62 12.20 39.83
C ILE A 214 11.60 11.25 41.05
N THR A 215 12.54 11.46 41.98
CA THR A 215 12.49 10.77 43.27
C THR A 215 12.48 11.74 44.45
N LEU A 216 11.61 11.48 45.41
CA LEU A 216 11.49 12.28 46.62
C LEU A 216 11.59 11.35 47.83
N THR A 217 12.51 11.64 48.73
CA THR A 217 12.84 10.75 49.83
C THR A 217 12.94 11.51 51.15
N TRP A 218 12.26 10.99 52.16
CA TRP A 218 12.40 11.48 53.52
C TRP A 218 13.42 10.68 54.29
N GLN A 219 14.36 11.39 54.93
CA GLN A 219 15.31 10.81 55.86
C GLN A 219 15.08 11.37 57.27
N ARG A 220 15.32 10.55 58.27
CA ARG A 220 15.40 11.01 59.67
C ARG A 220 16.80 10.74 60.19
N ASP A 221 17.48 11.80 60.61
CA ASP A 221 18.92 11.75 60.93
C ASP A 221 19.75 11.14 59.79
N GLY A 222 19.31 11.33 58.55
CA GLY A 222 20.05 10.88 57.38
C GLY A 222 19.73 9.46 56.97
N GLU A 223 18.64 8.91 57.50
CA GLU A 223 18.27 7.54 57.19
C GLU A 223 16.84 7.42 56.65
N ASP A 224 16.71 6.70 55.53
CA ASP A 224 15.43 6.51 54.86
C ASP A 224 14.29 6.23 55.82
N GLN A 225 13.17 6.93 55.63
CA GLN A 225 12.02 6.77 56.49
C GLN A 225 10.77 6.50 55.67
N THR A 226 10.02 5.48 56.09
CA THR A 226 8.85 5.02 55.35
C THR A 226 7.61 5.12 56.23
N GLN A 227 7.80 4.86 57.52
CA GLN A 227 6.73 5.00 58.50
C GLN A 227 6.20 6.43 58.51
N ASP A 228 4.88 6.57 58.67
CA ASP A 228 4.22 7.87 58.80
C ASP A 228 4.53 8.84 57.65
N THR A 229 4.64 8.30 56.45
CA THR A 229 4.81 9.11 55.25
C THR A 229 3.66 8.88 54.27
N GLU A 230 3.41 9.87 53.42
CA GLU A 230 2.57 9.68 52.27
C GLU A 230 3.35 10.19 51.07
N LEU A 231 3.14 9.56 49.92
CA LEU A 231 3.83 9.92 48.70
C LEU A 231 2.85 9.75 47.54
N VAL A 232 2.43 10.85 46.92
CA VAL A 232 1.45 10.78 45.84
C VAL A 232 2.13 10.42 44.52
N GLU A 233 1.36 9.91 43.57
CA GLU A 233 1.89 9.62 42.24
C GLU A 233 2.16 10.91 41.48
N THR A 234 3.28 10.94 40.75
CA THR A 234 3.58 12.04 39.86
C THR A 234 2.37 12.33 38.98
N ARG A 235 2.13 13.61 38.74
CA ARG A 235 0.86 14.08 38.19
C ARG A 235 1.10 15.25 37.25
N PRO A 236 0.38 15.30 36.12
CA PRO A 236 0.63 16.37 35.16
C PRO A 236 -0.01 17.67 35.58
N ALA A 237 0.67 18.79 35.36
CA ALA A 237 0.11 20.10 35.67
C ALA A 237 -0.86 20.59 34.60
N GLY A 238 -0.78 19.98 33.41
CA GLY A 238 -1.62 20.38 32.28
C GLY A 238 -0.89 21.28 31.32
N ASP A 239 0.26 21.79 31.73
CA ASP A 239 1.01 22.76 30.95
C ASP A 239 2.30 22.17 30.40
N GLY A 240 2.41 20.85 30.43
CA GLY A 240 3.62 20.19 29.93
C GLY A 240 4.58 19.78 31.02
N THR A 241 4.41 20.33 32.23
CA THR A 241 5.27 20.00 33.36
C THR A 241 4.56 19.10 34.37
N PHE A 242 5.29 18.71 35.40
CA PHE A 242 4.78 17.71 36.34
C PHE A 242 4.88 18.14 37.81
N GLN A 243 4.03 17.54 38.63
CA GLN A 243 4.01 17.81 40.07
C GLN A 243 4.18 16.52 40.88
N LYS A 244 4.76 16.65 42.07
CA LYS A 244 4.81 15.56 43.05
C LYS A 244 5.01 16.08 44.46
N TRP A 245 4.52 15.33 45.45
CA TRP A 245 4.87 15.61 46.84
C TRP A 245 5.03 14.40 47.71
N ALA A 246 5.74 14.59 48.82
CA ALA A 246 5.90 13.57 49.86
C ALA A 246 5.80 14.23 51.23
N ALA A 247 5.12 13.55 52.16
CA ALA A 247 4.87 14.11 53.48
C ALA A 247 5.30 13.18 54.60
N VAL A 248 5.74 13.76 55.71
CA VAL A 248 6.10 12.97 56.87
C VAL A 248 5.47 13.56 58.12
N VAL A 249 4.96 12.68 58.99
CA VAL A 249 4.46 13.11 60.29
C VAL A 249 5.62 13.20 61.25
N VAL A 250 5.72 14.31 61.97
CA VAL A 250 6.80 14.48 62.92
C VAL A 250 6.29 14.94 64.30
N PRO A 251 6.99 14.54 65.37
CA PRO A 251 6.74 15.11 66.68
C PRO A 251 7.26 16.55 66.77
N SER A 252 6.45 17.44 67.33
CA SER A 252 6.84 18.85 67.47
C SER A 252 8.19 18.97 68.16
N GLY A 253 9.03 19.85 67.63
CA GLY A 253 10.37 20.06 68.18
C GLY A 253 11.45 19.16 67.61
N GLU A 254 11.07 18.26 66.70
CA GLU A 254 12.06 17.39 66.07
C GLU A 254 12.20 17.62 64.56
N GLU A 255 11.51 18.64 64.05
CA GLU A 255 11.49 18.96 62.61
C GLU A 255 12.87 18.99 61.97
N GLN A 256 13.87 19.44 62.74
CA GLN A 256 15.21 19.63 62.21
C GLN A 256 15.93 18.30 61.97
N ARG A 257 15.35 17.22 62.47
CA ARG A 257 15.92 15.88 62.30
C ARG A 257 15.55 15.21 60.96
N TYR A 258 14.53 15.74 60.29
CA TYR A 258 14.07 15.17 59.02
C TYR A 258 14.60 15.94 57.82
N THR A 259 14.95 15.21 56.75
CA THR A 259 15.35 15.84 55.50
C THR A 259 14.65 15.22 54.30
N CYS A 260 14.34 16.06 53.32
CA CYS A 260 13.77 15.60 52.07
C CYS A 260 14.78 15.74 50.94
N HIS A 261 14.96 14.66 50.18
CA HIS A 261 15.88 14.66 49.05
C HIS A 261 15.14 14.61 47.75
N VAL A 262 15.63 15.37 46.77
CA VAL A 262 14.95 15.52 45.48
C VAL A 262 15.90 15.20 44.34
N GLN A 263 15.55 14.22 43.51
CA GLN A 263 16.36 13.83 42.35
C GLN A 263 15.63 13.93 41.04
N HIS A 264 16.31 14.56 40.07
CA HIS A 264 15.74 14.84 38.77
C HIS A 264 16.86 15.19 37.84
N GLU A 265 16.73 14.78 36.57
CA GLU A 265 17.82 14.96 35.62
C GLU A 265 18.21 16.42 35.42
N GLY A 266 17.28 17.33 35.64
CA GLY A 266 17.56 18.76 35.51
C GLY A 266 18.37 19.34 36.66
N LEU A 267 18.68 18.51 37.65
CA LEU A 267 19.49 18.94 38.78
C LEU A 267 20.91 18.39 38.67
N PRO A 268 21.91 19.29 38.61
CA PRO A 268 23.31 18.85 38.66
C PRO A 268 23.57 17.97 39.88
N LYS A 269 23.20 18.46 41.06
CA LYS A 269 23.34 17.72 42.31
C LYS A 269 21.95 17.55 42.95
N PRO A 270 21.70 16.39 43.56
CA PRO A 270 20.45 16.18 44.32
C PRO A 270 20.26 17.27 45.39
N LEU A 271 19.03 17.76 45.51
CA LEU A 271 18.72 18.81 46.47
C LEU A 271 18.43 18.23 47.85
N THR A 272 18.54 19.09 48.86
CA THR A 272 18.18 18.73 50.23
C THR A 272 17.33 19.83 50.84
N LEU A 273 16.15 19.48 51.33
CA LEU A 273 15.34 20.45 52.05
C LEU A 273 15.20 20.04 53.51
N ARG A 274 15.32 21.01 54.41
CA ARG A 274 15.09 20.80 55.85
C ARG A 274 14.22 21.92 56.38
N TRP A 275 13.32 21.60 57.30
CA TRP A 275 12.58 22.66 57.99
C TRP A 275 13.47 23.52 58.85
N ILE B 2 -7.65 -7.88 35.41
CA ILE B 2 -8.90 -7.71 34.62
C ILE B 2 -9.65 -6.42 34.95
N GLN B 3 -9.69 -6.05 36.23
CA GLN B 3 -10.35 -4.80 36.65
C GLN B 3 -9.59 -4.06 37.76
N ARG B 4 -9.19 -2.83 37.45
CA ARG B 4 -8.45 -2.00 38.40
C ARG B 4 -9.20 -0.71 38.68
N THR B 5 -9.23 -0.33 39.96
CA THR B 5 -9.95 0.84 40.40
C THR B 5 -9.08 2.10 40.31
N PRO B 6 -9.69 3.25 39.95
CA PRO B 6 -8.91 4.45 39.67
C PRO B 6 -8.35 5.12 40.92
N LYS B 7 -7.11 5.58 40.83
CA LYS B 7 -6.57 6.55 41.78
C LYS B 7 -7.04 7.92 41.33
N ILE B 8 -7.30 8.81 42.28
CA ILE B 8 -7.89 10.11 41.97
C ILE B 8 -7.12 11.22 42.69
N GLN B 9 -6.72 12.26 41.96
CA GLN B 9 -6.16 13.45 42.59
C GLN B 9 -6.82 14.72 42.06
N VAL B 10 -7.22 15.60 42.98
CA VAL B 10 -7.74 16.92 42.64
C VAL B 10 -6.78 18.00 43.13
N TYR B 11 -6.42 18.93 42.26
CA TYR B 11 -5.38 19.90 42.52
C TYR B 11 -5.40 20.97 41.45
N SER B 12 -4.87 22.14 41.78
CA SER B 12 -4.75 23.22 40.79
C SER B 12 -3.38 23.19 40.12
N ARG B 13 -3.28 23.85 38.97
CA ARG B 13 -2.01 23.90 38.23
C ARG B 13 -0.97 24.73 38.98
N HIS B 14 -1.38 25.90 39.44
CA HIS B 14 -0.50 26.80 40.18
C HIS B 14 -1.01 26.90 41.61
N PRO B 15 -0.15 27.35 42.54
CA PRO B 15 -0.64 27.61 43.91
C PRO B 15 -1.92 28.46 43.90
N ALA B 16 -2.93 28.04 44.66
CA ALA B 16 -4.19 28.77 44.72
C ALA B 16 -3.96 30.15 45.30
N GLU B 17 -4.35 31.18 44.55
CA GLU B 17 -4.47 32.53 45.11
C GLU B 17 -5.82 33.14 44.75
N ASN B 18 -6.58 33.55 45.77
CA ASN B 18 -8.00 33.86 45.61
C ASN B 18 -8.39 34.85 44.51
N GLY B 19 -7.47 35.73 44.13
CA GLY B 19 -7.76 36.62 43.01
C GLY B 19 -7.63 35.99 41.63
N LYS B 20 -6.78 34.98 41.50
CA LYS B 20 -6.14 34.68 40.21
C LYS B 20 -6.86 33.59 39.42
N SER B 21 -6.81 33.71 38.09
CA SER B 21 -7.14 32.60 37.17
C SER B 21 -6.21 31.44 37.44
N ASN B 22 -6.73 30.23 37.27
CA ASN B 22 -5.94 29.01 37.48
C ASN B 22 -6.58 27.89 36.66
N PHE B 23 -6.01 26.70 36.73
CA PHE B 23 -6.67 25.50 36.23
C PHE B 23 -6.93 24.54 37.38
N LEU B 24 -8.13 23.99 37.42
CA LEU B 24 -8.46 22.92 38.33
C LEU B 24 -8.37 21.59 37.61
N ASN B 25 -7.55 20.69 38.16
CA ASN B 25 -7.24 19.42 37.54
C ASN B 25 -7.83 18.24 38.31
N CYS B 26 -8.39 17.28 37.57
CA CYS B 26 -8.67 15.96 38.13
C CYS B 26 -7.92 14.89 37.34
N TYR B 27 -7.00 14.22 38.02
CA TYR B 27 -6.17 13.19 37.42
C TYR B 27 -6.64 11.82 37.89
N VAL B 28 -7.07 11.00 36.93
CA VAL B 28 -7.53 9.63 37.22
C VAL B 28 -6.61 8.64 36.52
N SER B 29 -6.02 7.75 37.30
CA SER B 29 -4.99 6.87 36.76
C SER B 29 -5.14 5.48 37.40
N GLY B 30 -4.48 4.49 36.80
CA GLY B 30 -4.41 3.18 37.41
C GLY B 30 -5.66 2.32 37.19
N PHE B 31 -6.50 2.70 36.24
CA PHE B 31 -7.78 2.01 36.07
C PHE B 31 -7.91 1.14 34.81
N HIS B 32 -8.80 0.16 34.86
CA HIS B 32 -9.10 -0.73 33.75
C HIS B 32 -10.40 -1.41 34.05
N PRO B 33 -11.33 -1.46 33.08
CA PRO B 33 -11.28 -0.93 31.70
C PRO B 33 -11.35 0.59 31.62
N SER B 34 -11.34 1.11 30.40
CA SER B 34 -11.06 2.52 30.18
C SER B 34 -12.28 3.43 30.31
N ASP B 35 -13.48 2.86 30.18
CA ASP B 35 -14.70 3.66 30.31
C ASP B 35 -14.83 4.23 31.70
N ILE B 36 -14.93 5.55 31.78
CA ILE B 36 -14.89 6.24 33.05
C ILE B 36 -15.71 7.52 32.97
N GLU B 37 -16.28 7.91 34.08
CA GLU B 37 -17.08 9.15 34.14
C GLU B 37 -16.48 10.10 35.16
N VAL B 38 -16.22 11.32 34.74
CA VAL B 38 -15.61 12.33 35.61
C VAL B 38 -16.26 13.68 35.36
N ASP B 39 -16.77 14.31 36.41
CA ASP B 39 -17.01 15.74 36.34
C ASP B 39 -16.44 16.50 37.50
N LEU B 40 -16.18 17.77 37.26
CA LEU B 40 -15.67 18.68 38.26
C LEU B 40 -16.84 19.49 38.78
N LEU B 41 -16.80 19.81 40.06
CA LEU B 41 -17.95 20.34 40.77
C LEU B 41 -17.59 21.65 41.47
N LYS B 42 -18.37 22.69 41.19
CA LYS B 42 -18.35 23.90 41.98
C LYS B 42 -19.56 23.93 42.93
N ASN B 43 -19.28 23.88 44.23
CA ASN B 43 -20.33 23.83 45.26
C ASN B 43 -21.40 22.80 44.95
N GLY B 44 -20.97 21.58 44.66
CA GLY B 44 -21.88 20.47 44.42
C GLY B 44 -22.49 20.49 43.03
N GLU B 45 -22.26 21.57 42.27
CA GLU B 45 -22.85 21.71 40.95
C GLU B 45 -21.87 21.43 39.80
N ARG B 46 -22.36 20.74 38.77
CA ARG B 46 -21.52 20.32 37.66
C ARG B 46 -21.01 21.51 36.84
N ILE B 47 -19.70 21.60 36.70
CA ILE B 47 -19.09 22.57 35.78
C ILE B 47 -19.12 22.04 34.35
N GLU B 48 -19.30 22.92 33.39
CA GLU B 48 -19.62 22.50 32.03
C GLU B 48 -18.45 22.59 31.06
N LYS B 49 -17.64 23.64 31.18
CA LYS B 49 -16.44 23.77 30.38
C LYS B 49 -15.32 22.89 30.97
N VAL B 50 -15.41 21.59 30.72
CA VAL B 50 -14.43 20.63 31.23
C VAL B 50 -13.82 19.82 30.09
N GLU B 51 -12.53 20.07 29.84
CA GLU B 51 -11.79 19.35 28.82
C GLU B 51 -11.09 18.13 29.41
N HIS B 52 -10.70 17.19 28.55
CA HIS B 52 -9.88 16.06 28.97
C HIS B 52 -8.77 15.76 27.99
N SER B 53 -7.74 15.08 28.48
CA SER B 53 -6.64 14.62 27.64
C SER B 53 -7.05 13.41 26.81
N ASP B 54 -6.20 13.04 25.85
CA ASP B 54 -6.41 11.85 25.02
C ASP B 54 -6.10 10.60 25.82
N LEU B 55 -6.99 9.61 25.74
CA LEU B 55 -6.80 8.38 26.50
C LEU B 55 -5.43 7.76 26.22
N SER B 56 -4.64 7.55 27.28
CA SER B 56 -3.35 6.87 27.15
C SER B 56 -3.17 5.88 28.30
N PHE B 57 -2.03 5.18 28.34
CA PHE B 57 -1.82 4.17 29.37
C PHE B 57 -0.38 3.92 29.80
N SER B 58 -0.22 3.51 31.06
CA SER B 58 1.08 3.27 31.66
C SER B 58 1.63 1.87 31.32
N LYS B 59 2.86 1.60 31.75
CA LYS B 59 3.50 0.31 31.53
C LYS B 59 2.69 -0.81 32.18
N ASP B 60 1.90 -0.42 33.16
CA ASP B 60 0.81 -1.21 33.74
C ASP B 60 -0.19 -1.83 32.73
N TRP B 61 -0.33 -1.17 31.58
CA TRP B 61 -1.53 -1.26 30.74
C TRP B 61 -2.72 -0.53 31.31
N SER B 62 -2.61 -0.02 32.54
CA SER B 62 -3.71 0.72 33.15
C SER B 62 -3.78 2.13 32.59
N PHE B 63 -5.01 2.66 32.48
CA PHE B 63 -5.27 3.93 31.80
C PHE B 63 -5.11 5.14 32.72
N TYR B 64 -4.88 6.31 32.11
CA TYR B 64 -4.93 7.58 32.83
C TYR B 64 -5.50 8.70 31.97
N LEU B 65 -6.14 9.66 32.63
CA LEU B 65 -6.75 10.81 31.97
C LEU B 65 -6.60 12.04 32.86
N LEU B 66 -6.30 13.18 32.25
CA LEU B 66 -6.41 14.46 32.94
C LEU B 66 -7.67 15.20 32.51
N TYR B 67 -8.55 15.48 33.48
CA TYR B 67 -9.66 16.38 33.28
C TYR B 67 -9.33 17.73 33.89
N TYR B 68 -9.75 18.80 33.23
CA TYR B 68 -9.45 20.13 33.73
C TYR B 68 -10.46 21.20 33.34
N THR B 69 -10.41 22.32 34.05
CA THR B 69 -11.29 23.44 33.79
C THR B 69 -10.57 24.71 34.23
N GLU B 70 -10.86 25.82 33.58
CA GLU B 70 -10.39 27.11 34.07
C GLU B 70 -11.32 27.59 35.17
N PHE B 71 -10.73 28.07 36.27
CA PHE B 71 -11.50 28.58 37.39
C PHE B 71 -10.74 29.68 38.11
N THR B 72 -11.45 30.47 38.90
CA THR B 72 -10.84 31.49 39.74
C THR B 72 -11.30 31.20 41.16
N PRO B 73 -10.40 30.63 41.97
CA PRO B 73 -10.76 30.22 43.32
C PRO B 73 -11.03 31.42 44.21
N THR B 74 -11.91 31.25 45.17
CA THR B 74 -12.16 32.27 46.19
C THR B 74 -11.92 31.62 47.54
N GLU B 75 -12.28 32.29 48.63
CA GLU B 75 -12.19 31.64 49.93
C GLU B 75 -13.46 30.85 50.21
N LYS B 76 -14.56 31.30 49.64
CA LYS B 76 -15.87 30.73 49.89
C LYS B 76 -16.11 29.43 49.10
N ASP B 77 -15.80 29.45 47.81
CA ASP B 77 -16.17 28.37 46.90
C ASP B 77 -15.45 27.06 47.20
N GLU B 78 -16.17 25.95 47.03
CA GLU B 78 -15.59 24.63 47.20
C GLU B 78 -15.66 23.79 45.92
N TYR B 79 -14.59 23.04 45.67
CA TYR B 79 -14.44 22.30 44.44
C TYR B 79 -14.21 20.83 44.69
N ALA B 80 -14.64 19.99 43.76
CA ALA B 80 -14.50 18.54 43.89
C ALA B 80 -14.53 17.84 42.54
N CYS B 81 -13.96 16.63 42.49
CA CYS B 81 -14.10 15.71 41.35
C CYS B 81 -15.11 14.64 41.74
N ARG B 82 -15.92 14.20 40.78
CA ARG B 82 -16.82 13.05 40.95
C ARG B 82 -16.53 12.00 39.89
N VAL B 83 -16.15 10.80 40.33
CA VAL B 83 -15.68 9.76 39.42
C VAL B 83 -16.57 8.52 39.49
N ASN B 84 -16.96 8.02 38.33
CA ASN B 84 -17.60 6.71 38.28
C ASN B 84 -16.94 5.75 37.30
N HIS B 85 -16.93 4.49 37.68
CA HIS B 85 -16.18 3.46 37.00
C HIS B 85 -16.81 2.16 37.40
N VAL B 86 -16.81 1.19 36.49
CA VAL B 86 -17.47 -0.09 36.72
C VAL B 86 -17.06 -0.74 38.05
N THR B 87 -15.84 -0.47 38.50
CA THR B 87 -15.29 -1.10 39.70
C THR B 87 -15.84 -0.51 40.99
N LEU B 88 -16.62 0.56 40.87
CA LEU B 88 -17.07 1.31 42.04
C LEU B 88 -18.57 1.07 42.31
N SER B 89 -18.89 0.76 43.56
CA SER B 89 -20.28 0.54 43.96
C SER B 89 -21.14 1.80 43.83
N GLN B 90 -20.50 2.96 43.96
CA GLN B 90 -21.14 4.25 43.67
C GLN B 90 -20.10 5.33 43.34
N PRO B 91 -20.55 6.46 42.78
CA PRO B 91 -19.65 7.57 42.45
C PRO B 91 -18.76 7.95 43.63
N LYS B 92 -17.46 8.12 43.36
CA LYS B 92 -16.52 8.63 44.35
C LYS B 92 -16.38 10.15 44.24
N ILE B 93 -16.59 10.86 45.35
CA ILE B 93 -16.38 12.31 45.41
C ILE B 93 -15.06 12.63 46.08
N VAL B 94 -14.18 13.37 45.40
CA VAL B 94 -12.95 13.85 46.05
C VAL B 94 -12.91 15.37 46.07
N LYS B 95 -12.90 15.94 47.27
CA LYS B 95 -12.89 17.40 47.46
C LYS B 95 -11.50 17.98 47.21
N TRP B 96 -11.45 19.16 46.61
CA TRP B 96 -10.18 19.86 46.39
C TRP B 96 -9.65 20.49 47.64
N ASP B 97 -8.42 20.14 47.99
CA ASP B 97 -7.71 20.77 49.10
C ASP B 97 -6.52 21.57 48.54
N ARG B 98 -6.52 22.88 48.77
CA ARG B 98 -5.49 23.73 48.20
C ARG B 98 -4.06 23.40 48.67
N ASP B 99 -3.93 22.40 49.54
CA ASP B 99 -2.61 21.90 49.95
C ASP B 99 -2.40 20.41 49.61
N MET B 100 -3.43 19.74 49.08
CA MET B 100 -3.57 18.27 49.13
C MET B 100 -3.33 17.63 50.50
N ARG C 1 6.70 9.06 13.16
CA ARG C 1 6.18 8.44 11.90
C ARG C 1 5.73 7.01 12.12
N PHE C 2 4.46 6.77 11.81
CA PHE C 2 3.82 5.49 12.07
C PHE C 2 4.32 4.43 11.09
N PRO C 3 4.42 3.16 11.55
CA PRO C 3 4.75 2.03 10.69
C PRO C 3 3.55 1.50 9.89
N LEU C 4 3.83 0.53 9.03
CA LEU C 4 2.81 -0.30 8.41
C LEU C 4 2.54 -1.52 9.28
N THR C 5 1.26 -1.83 9.49
CA THR C 5 0.86 -2.86 10.45
C THR C 5 -0.03 -3.92 9.81
N PHE C 6 -0.07 -3.92 8.48
CA PHE C 6 -0.86 -4.87 7.70
C PHE C 6 -0.56 -6.31 8.11
N GLY C 7 0.68 -6.58 8.48
CA GLY C 7 1.07 -7.91 8.95
C GLY C 7 0.76 -8.23 10.40
N TRP C 8 0.33 -7.24 11.18
CA TRP C 8 0.14 -7.47 12.62
C TRP C 8 -1.16 -8.14 12.98
N CYS C 9 -1.67 -8.97 12.08
CA CYS C 9 -2.94 -9.64 12.32
C CYS C 9 -2.72 -10.88 13.17
N PHE C 10 -3.58 -11.06 14.16
CA PHE C 10 -3.42 -12.15 15.13
C PHE C 10 -3.61 -13.53 14.51
N ALA D 2 2.72 12.13 -1.43
CA ALA D 2 2.90 10.98 -0.50
C ALA D 2 3.82 9.93 -1.12
N GLN D 3 3.33 8.70 -1.23
CA GLN D 3 4.08 7.61 -1.85
C GLN D 3 4.15 7.78 -3.38
N SER D 4 5.34 8.11 -3.88
CA SER D 4 5.63 8.07 -5.30
C SER D 4 6.71 7.02 -5.60
N VAL D 5 6.72 6.56 -6.85
CA VAL D 5 7.68 5.57 -7.31
C VAL D 5 8.32 6.12 -8.57
N THR D 6 9.64 5.98 -8.67
CA THR D 6 10.37 6.46 -9.83
C THR D 6 11.10 5.31 -10.51
N GLN D 7 10.77 5.08 -11.78
CA GLN D 7 11.62 4.27 -12.64
C GLN D 7 12.38 5.25 -13.56
N PRO D 8 13.65 5.52 -13.23
CA PRO D 8 14.31 6.62 -13.92
C PRO D 8 14.53 6.38 -15.43
N ASP D 9 14.64 5.13 -15.83
CA ASP D 9 14.91 4.81 -17.23
C ASP D 9 13.65 4.29 -17.92
N ILE D 10 13.07 5.12 -18.78
CA ILE D 10 11.80 4.77 -19.42
C ILE D 10 11.97 3.65 -20.45
N HIS D 11 13.20 3.45 -20.92
CA HIS D 11 13.47 2.56 -22.04
C HIS D 11 14.85 1.98 -21.93
N ILE D 12 14.93 0.65 -21.95
CA ILE D 12 16.20 -0.05 -21.81
C ILE D 12 16.34 -1.11 -22.89
N THR D 13 17.55 -1.24 -23.43
CA THR D 13 17.83 -2.20 -24.48
C THR D 13 19.02 -3.06 -24.10
N VAL D 14 18.84 -4.38 -24.20
CA VAL D 14 19.93 -5.33 -23.95
C VAL D 14 19.99 -6.37 -25.07
N SER D 15 21.17 -6.97 -25.23
CA SER D 15 21.36 -8.03 -26.20
C SER D 15 20.99 -9.35 -25.55
N GLU D 16 20.30 -10.21 -26.29
CA GLU D 16 19.86 -11.47 -25.70
C GLU D 16 21.05 -12.18 -25.08
N GLY D 17 20.84 -12.76 -23.90
CA GLY D 17 21.90 -13.46 -23.19
C GLY D 17 22.70 -12.61 -22.23
N ALA D 18 22.66 -11.29 -22.38
CA ALA D 18 23.35 -10.42 -21.44
C ALA D 18 22.48 -10.19 -20.19
N SER D 19 23.04 -9.51 -19.19
CA SER D 19 22.33 -9.32 -17.93
C SER D 19 21.54 -8.01 -17.92
N LEU D 20 20.55 -7.94 -17.05
CA LEU D 20 19.64 -6.82 -17.01
C LEU D 20 19.57 -6.27 -15.60
N GLU D 21 19.62 -4.95 -15.48
CA GLU D 21 19.17 -4.27 -14.27
C GLU D 21 18.15 -3.19 -14.61
N LEU D 22 17.01 -3.25 -13.95
CA LEU D 22 15.96 -2.24 -14.07
C LEU D 22 15.84 -1.51 -12.74
N ARG D 23 16.08 -0.21 -12.77
CA ARG D 23 16.10 0.61 -11.56
C ARG D 23 14.70 1.02 -11.09
N CYS D 24 14.51 1.02 -9.78
CA CYS D 24 13.29 1.56 -9.18
C CYS D 24 13.56 2.19 -7.81
N ASN D 25 13.08 3.42 -7.62
CA ASN D 25 13.19 4.12 -6.34
C ASN D 25 11.81 4.51 -5.85
N TYR D 26 11.65 4.57 -4.53
CA TYR D 26 10.39 5.02 -3.98
C TYR D 26 10.61 6.12 -2.95
N SER D 27 9.53 6.82 -2.61
CA SER D 27 9.58 7.89 -1.63
C SER D 27 8.38 7.82 -0.68
N TYR D 28 8.64 7.46 0.58
CA TYR D 28 7.58 7.21 1.57
C TYR D 28 8.16 7.27 2.99
N GLY D 29 7.37 7.76 3.95
CA GLY D 29 7.83 7.88 5.34
C GLY D 29 7.97 6.58 6.13
N ALA D 30 7.71 5.45 5.48
CA ALA D 30 8.01 4.14 6.06
C ALA D 30 8.43 3.19 4.93
N THR D 31 8.81 1.97 5.28
CA THR D 31 9.12 0.96 4.28
C THR D 31 7.85 0.28 3.80
N PRO D 32 7.49 0.49 2.52
CA PRO D 32 6.27 -0.09 1.96
C PRO D 32 6.46 -1.52 1.49
N TYR D 33 5.39 -2.11 0.95
CA TYR D 33 5.51 -3.31 0.16
C TYR D 33 5.97 -2.97 -1.25
N LEU D 34 6.76 -3.86 -1.82
CA LEU D 34 7.44 -3.59 -3.08
C LEU D 34 7.20 -4.72 -4.07
N PHE D 35 7.09 -4.36 -5.35
CA PHE D 35 6.66 -5.29 -6.37
C PHE D 35 7.31 -4.98 -7.71
N TRP D 36 7.49 -6.01 -8.53
CA TRP D 36 7.69 -5.81 -9.96
C TRP D 36 6.67 -6.59 -10.75
N TYR D 37 5.95 -5.88 -11.63
CA TYR D 37 5.06 -6.52 -12.59
C TYR D 37 5.63 -6.46 -14.01
N VAL D 38 5.25 -7.42 -14.84
CA VAL D 38 5.56 -7.39 -16.26
C VAL D 38 4.25 -7.48 -17.06
N GLN D 39 4.18 -6.78 -18.18
CA GLN D 39 2.99 -6.77 -19.01
C GLN D 39 3.39 -6.86 -20.49
N SER D 40 2.86 -7.87 -21.17
CA SER D 40 2.85 -7.90 -22.64
C SER D 40 1.70 -7.04 -23.15
N PRO D 41 1.76 -6.62 -24.44
CA PRO D 41 0.84 -5.62 -25.01
C PRO D 41 -0.65 -6.01 -24.95
N GLY D 42 -0.97 -7.27 -25.24
CA GLY D 42 -2.35 -7.74 -25.12
C GLY D 42 -2.83 -7.82 -23.68
N GLN D 43 -2.01 -8.45 -22.84
CA GLN D 43 -2.48 -9.02 -21.58
C GLN D 43 -2.57 -8.01 -20.44
N GLY D 44 -2.93 -8.50 -19.26
CA GLY D 44 -2.81 -7.76 -18.02
C GLY D 44 -1.47 -8.01 -17.36
N LEU D 45 -1.39 -7.71 -16.06
CA LEU D 45 -0.12 -7.65 -15.36
C LEU D 45 0.20 -8.94 -14.61
N GLN D 46 1.41 -9.44 -14.78
CA GLN D 46 1.88 -10.60 -14.04
C GLN D 46 2.89 -10.19 -12.98
N LEU D 47 2.69 -10.68 -11.76
CA LEU D 47 3.63 -10.42 -10.69
C LEU D 47 4.93 -11.21 -10.89
N LEU D 48 6.05 -10.51 -10.75
CA LEU D 48 7.37 -11.12 -10.89
C LEU D 48 7.91 -11.56 -9.54
N LEU D 49 7.84 -10.64 -8.57
CA LEU D 49 8.35 -10.88 -7.24
C LEU D 49 7.84 -9.80 -6.32
N LYS D 50 7.93 -10.05 -5.02
CA LYS D 50 7.50 -9.08 -4.02
C LYS D 50 8.48 -9.04 -2.86
N TYR D 51 8.58 -7.88 -2.23
CA TYR D 51 9.32 -7.75 -0.98
C TYR D 51 8.35 -7.43 0.15
N PHE D 52 8.49 -8.17 1.25
CA PHE D 52 7.75 -7.91 2.48
C PHE D 52 8.60 -7.18 3.57
N SER D 53 9.78 -7.70 3.95
CA SER D 53 10.23 -9.07 3.62
C SER D 53 11.26 -9.61 4.62
N GLY D 54 12.33 -8.85 4.86
CA GLY D 54 13.48 -9.39 5.60
C GLY D 54 14.76 -9.34 4.78
N ASP D 55 15.11 -10.46 4.14
CA ASP D 55 16.32 -10.50 3.32
C ASP D 55 16.21 -9.63 2.07
N THR D 56 17.27 -8.88 1.80
CA THR D 56 17.25 -7.85 0.76
C THR D 56 17.16 -8.43 -0.65
N LEU D 57 17.59 -9.67 -0.81
CA LEU D 57 17.61 -10.30 -2.13
C LEU D 57 16.45 -11.29 -2.32
N VAL D 58 15.61 -11.00 -3.31
CA VAL D 58 14.36 -11.70 -3.52
C VAL D 58 14.45 -12.51 -4.80
N GLN D 59 13.82 -13.67 -4.82
CA GLN D 59 13.77 -14.51 -6.01
C GLN D 59 12.36 -14.51 -6.59
N GLY D 60 12.25 -14.42 -7.91
CA GLY D 60 10.95 -14.33 -8.56
C GLY D 60 10.73 -15.42 -9.59
N ILE D 61 9.72 -15.25 -10.41
CA ILE D 61 9.55 -16.15 -11.55
C ILE D 61 10.37 -15.67 -12.74
N LYS D 62 10.42 -16.49 -13.78
CA LYS D 62 11.10 -16.17 -15.04
C LYS D 62 12.55 -15.76 -14.88
N GLY D 63 13.18 -16.30 -13.85
CA GLY D 63 14.61 -16.08 -13.61
C GLY D 63 14.95 -14.71 -13.07
N PHE D 64 13.92 -14.00 -12.61
CA PHE D 64 14.08 -12.64 -12.10
C PHE D 64 14.43 -12.61 -10.62
N GLU D 65 15.29 -11.68 -10.24
CA GLU D 65 15.52 -11.38 -8.84
C GLU D 65 15.49 -9.86 -8.62
N ALA D 66 15.49 -9.46 -7.35
CA ALA D 66 15.50 -8.05 -6.99
C ALA D 66 16.26 -7.83 -5.69
N GLU D 67 16.83 -6.64 -5.55
CA GLU D 67 17.59 -6.27 -4.37
C GLU D 67 16.98 -5.03 -3.74
N PHE D 68 16.61 -5.14 -2.47
CA PHE D 68 16.15 -3.98 -1.72
C PHE D 68 17.33 -3.30 -1.04
N LYS D 69 17.46 -2.00 -1.27
CA LYS D 69 18.55 -1.21 -0.71
C LYS D 69 17.99 -0.05 0.11
N ARG D 70 17.91 -0.25 1.43
CA ARG D 70 17.26 0.71 2.32
C ARG D 70 17.87 2.11 2.24
N SER D 71 19.19 2.18 2.29
CA SER D 71 19.90 3.46 2.27
C SER D 71 19.63 4.24 0.98
N GLN D 72 19.10 3.53 -0.02
CA GLN D 72 18.82 4.12 -1.31
C GLN D 72 17.32 4.28 -1.54
N SER D 73 16.53 3.46 -0.85
CA SER D 73 15.11 3.30 -1.17
C SER D 73 14.93 2.79 -2.60
N SER D 74 15.77 1.86 -2.99
CA SER D 74 15.72 1.31 -4.34
C SER D 74 15.30 -0.15 -4.30
N PHE D 75 14.67 -0.59 -5.38
CA PHE D 75 14.23 -1.96 -5.52
C PHE D 75 14.48 -2.46 -6.94
N ASN D 76 15.75 -2.67 -7.26
CA ASN D 76 16.15 -2.88 -8.64
C ASN D 76 15.95 -4.32 -9.13
N LEU D 77 15.27 -4.44 -10.27
CA LEU D 77 15.00 -5.72 -10.91
C LEU D 77 16.27 -6.19 -11.63
N ARG D 78 16.67 -7.43 -11.36
CA ARG D 78 17.83 -8.01 -12.04
C ARG D 78 17.50 -9.33 -12.73
N LYS D 79 18.22 -9.62 -13.81
CA LYS D 79 18.18 -10.95 -14.42
C LYS D 79 19.51 -11.28 -15.09
N PRO D 80 20.14 -12.40 -14.69
CA PRO D 80 21.47 -12.82 -15.14
C PRO D 80 21.61 -12.93 -16.66
N SER D 81 20.65 -13.59 -17.31
CA SER D 81 20.74 -13.85 -18.74
C SER D 81 19.37 -13.70 -19.38
N VAL D 82 19.19 -12.64 -20.15
CA VAL D 82 17.86 -12.26 -20.64
C VAL D 82 17.50 -12.98 -21.95
N HIS D 83 16.28 -13.49 -22.01
CA HIS D 83 15.77 -14.17 -23.21
C HIS D 83 15.01 -13.17 -24.05
N TRP D 84 14.93 -13.43 -25.35
CA TRP D 84 14.32 -12.48 -26.29
C TRP D 84 12.90 -12.19 -25.93
N SER D 85 12.21 -13.20 -25.38
CA SER D 85 10.82 -13.07 -24.99
C SER D 85 10.57 -12.29 -23.70
N ASP D 86 11.65 -11.85 -23.04
CA ASP D 86 11.51 -10.97 -21.88
C ASP D 86 11.17 -9.54 -22.30
N ALA D 87 11.21 -9.27 -23.61
CA ALA D 87 10.89 -7.95 -24.13
C ALA D 87 9.44 -7.61 -23.81
N ALA D 88 9.25 -6.64 -22.91
CA ALA D 88 7.90 -6.28 -22.45
C ALA D 88 7.89 -4.94 -21.73
N GLU D 89 6.76 -4.62 -21.10
CA GLU D 89 6.70 -3.49 -20.19
C GLU D 89 6.92 -3.95 -18.76
N TYR D 90 7.61 -3.12 -17.98
CA TYR D 90 7.92 -3.46 -16.61
C TYR D 90 7.55 -2.32 -15.68
N PHE D 91 6.87 -2.67 -14.59
CA PHE D 91 6.41 -1.68 -13.64
C PHE D 91 6.82 -2.14 -12.24
N CYS D 92 7.51 -1.29 -11.50
CA CYS D 92 7.58 -1.48 -10.07
C CYS D 92 6.43 -0.73 -9.40
N ALA D 93 6.12 -1.14 -8.18
CA ALA D 93 4.95 -0.63 -7.49
C ALA D 93 5.19 -0.70 -6.00
N VAL D 94 4.60 0.25 -5.28
CA VAL D 94 4.59 0.18 -3.83
C VAL D 94 3.17 -0.05 -3.34
N GLY D 95 3.06 -0.89 -2.30
CA GLY D 95 1.80 -1.09 -1.61
C GLY D 95 1.83 -0.41 -0.26
N ALA D 96 0.84 0.43 -0.02
CA ALA D 96 0.80 1.25 1.19
C ALA D 96 -0.62 1.75 1.42
N PRO D 97 -0.95 2.15 2.65
CA PRO D 97 -2.26 2.73 2.94
C PRO D 97 -2.60 3.91 2.04
N SER D 98 -3.85 3.99 1.61
CA SER D 98 -4.41 5.19 1.03
C SER D 98 -4.89 6.14 2.13
N GLY D 99 -5.32 7.34 1.74
CA GLY D 99 -5.91 8.29 2.68
C GLY D 99 -7.07 7.70 3.49
N ALA D 100 -7.76 6.70 2.93
CA ALA D 100 -8.86 6.06 3.63
C ALA D 100 -8.39 4.90 4.51
N GLY D 101 -7.11 4.58 4.47
CA GLY D 101 -6.57 3.51 5.28
C GLY D 101 -6.54 2.17 4.59
N SER D 102 -7.42 1.96 3.61
CA SER D 102 -7.39 0.76 2.79
C SER D 102 -6.19 0.82 1.86
N TYR D 103 -5.54 -0.33 1.67
CA TYR D 103 -4.26 -0.38 0.96
C TYR D 103 -4.45 -0.19 -0.53
N GLN D 104 -3.39 0.27 -1.20
CA GLN D 104 -3.41 0.44 -2.64
C GLN D 104 -2.01 0.33 -3.25
N LEU D 105 -1.98 0.12 -4.56
CA LEU D 105 -0.75 0.11 -5.33
C LEU D 105 -0.51 1.47 -5.96
N THR D 106 0.72 1.96 -5.86
CA THR D 106 1.18 3.09 -6.64
C THR D 106 2.27 2.63 -7.61
N PHE D 107 2.03 2.85 -8.90
CA PHE D 107 2.96 2.43 -9.95
C PHE D 107 3.95 3.52 -10.32
N GLY D 108 5.18 3.12 -10.64
CA GLY D 108 6.05 3.94 -11.48
C GLY D 108 5.52 4.00 -12.90
N LYS D 109 6.12 4.87 -13.71
CA LYS D 109 5.65 5.11 -15.07
C LYS D 109 5.99 3.96 -16.02
N GLY D 110 6.83 3.04 -15.57
CA GLY D 110 7.11 1.87 -16.38
C GLY D 110 8.40 1.97 -17.18
N THR D 111 8.96 0.81 -17.53
CA THR D 111 10.18 0.73 -18.32
C THR D 111 9.96 -0.22 -19.48
N LYS D 112 10.16 0.28 -20.70
CA LYS D 112 10.09 -0.56 -21.89
C LYS D 112 11.41 -1.29 -22.05
N LEU D 113 11.34 -2.61 -22.10
CA LEU D 113 12.53 -3.43 -22.34
C LEU D 113 12.54 -3.93 -23.77
N SER D 114 13.53 -3.46 -24.54
CA SER D 114 13.85 -4.05 -25.84
C SER D 114 14.97 -5.09 -25.65
N VAL D 115 14.80 -6.26 -26.23
CA VAL D 115 15.92 -7.19 -26.34
C VAL D 115 16.28 -7.58 -27.78
N ILE D 116 17.55 -7.43 -28.09
CA ILE D 116 18.07 -7.74 -29.42
C ILE D 116 18.28 -9.24 -29.52
N PRO D 117 17.47 -9.92 -30.33
CA PRO D 117 17.48 -11.38 -30.31
C PRO D 117 18.76 -11.94 -30.90
N ASN D 118 19.23 -13.05 -30.33
CA ASN D 118 20.38 -13.74 -30.87
C ASN D 118 19.96 -14.65 -32.03
N ILE D 119 20.31 -14.23 -33.25
CA ILE D 119 19.96 -15.01 -34.43
C ILE D 119 21.20 -15.70 -35.01
N GLN D 120 21.12 -17.02 -35.13
CA GLN D 120 22.27 -17.81 -35.56
C GLN D 120 22.43 -17.84 -37.08
N ASN D 121 23.63 -17.51 -37.55
CA ASN D 121 23.97 -17.58 -38.96
C ASN D 121 22.91 -16.98 -39.89
N PRO D 122 22.86 -15.63 -39.95
CA PRO D 122 21.90 -14.92 -40.80
C PRO D 122 22.11 -15.21 -42.29
N ASP D 123 21.00 -15.26 -43.03
CA ASP D 123 21.05 -15.45 -44.48
C ASP D 123 19.98 -14.56 -45.14
N PRO D 124 20.20 -13.24 -45.13
CA PRO D 124 19.15 -12.29 -45.52
C PRO D 124 18.74 -12.42 -46.98
N ALA D 125 17.47 -12.17 -47.26
CA ALA D 125 16.91 -12.41 -48.59
C ALA D 125 15.51 -11.82 -48.70
N VAL D 126 15.05 -11.62 -49.94
CA VAL D 126 13.72 -11.10 -50.17
C VAL D 126 12.95 -12.02 -51.10
N TYR D 127 11.69 -12.29 -50.75
CA TYR D 127 10.87 -13.23 -51.49
C TYR D 127 9.53 -12.60 -51.85
N GLN D 128 8.91 -13.10 -52.92
CA GLN D 128 7.59 -12.67 -53.30
C GLN D 128 6.64 -13.87 -53.23
N LEU D 129 5.51 -13.67 -52.58
CA LEU D 129 4.56 -14.74 -52.33
C LEU D 129 3.24 -14.41 -53.00
N ARG D 130 2.61 -15.38 -53.65
CA ARG D 130 1.38 -15.12 -54.37
C ARG D 130 0.17 -15.68 -53.64
N ASP D 131 -0.93 -14.93 -53.66
CA ASP D 131 -2.19 -15.37 -53.08
C ASP D 131 -2.48 -16.83 -53.45
N SER D 132 -3.03 -17.58 -52.50
CA SER D 132 -3.48 -18.94 -52.81
C SER D 132 -4.88 -18.96 -53.42
N LYS D 133 -5.45 -17.78 -53.65
CA LYS D 133 -6.76 -17.68 -54.30
C LYS D 133 -6.73 -16.79 -55.54
N SER D 134 -6.27 -15.56 -55.37
CA SER D 134 -6.29 -14.56 -56.45
C SER D 134 -5.05 -14.71 -57.33
N SER D 135 -5.02 -13.94 -58.41
CA SER D 135 -3.98 -14.11 -59.43
C SER D 135 -2.89 -13.04 -59.32
N ASP D 136 -3.30 -11.80 -59.10
CA ASP D 136 -2.35 -10.68 -59.11
C ASP D 136 -2.09 -10.11 -57.71
N LYS D 137 -2.55 -10.82 -56.69
CA LYS D 137 -2.36 -10.37 -55.31
C LYS D 137 -1.16 -11.07 -54.67
N SER D 138 -0.24 -10.28 -54.10
CA SER D 138 1.00 -10.82 -53.55
C SER D 138 1.56 -10.01 -52.37
N VAL D 139 2.54 -10.59 -51.68
CA VAL D 139 3.26 -9.89 -50.60
C VAL D 139 4.77 -10.13 -50.70
N CYS D 140 5.55 -9.27 -50.06
CA CYS D 140 7.00 -9.45 -49.98
C CYS D 140 7.41 -9.89 -48.59
N LEU D 141 8.38 -10.80 -48.54
CA LEU D 141 8.92 -11.30 -47.28
C LEU D 141 10.41 -10.98 -47.21
N PHE D 142 10.78 -10.11 -46.29
CA PHE D 142 12.18 -9.92 -45.96
C PHE D 142 12.49 -10.79 -44.76
N THR D 143 13.41 -11.73 -44.92
CA THR D 143 13.67 -12.70 -43.86
C THR D 143 15.15 -12.97 -43.64
N ASP D 144 15.45 -13.67 -42.55
CA ASP D 144 16.79 -14.16 -42.22
C ASP D 144 17.88 -13.08 -42.15
N PHE D 145 17.47 -11.84 -41.92
CA PHE D 145 18.44 -10.77 -41.69
C PHE D 145 18.87 -10.74 -40.23
N ASP D 146 19.95 -10.02 -39.95
CA ASP D 146 20.54 -10.02 -38.60
C ASP D 146 19.98 -8.90 -37.72
N SER D 147 20.07 -9.10 -36.41
CA SER D 147 19.29 -8.33 -35.45
C SER D 147 19.63 -6.83 -35.45
N GLN D 148 20.79 -6.50 -35.99
CA GLN D 148 21.21 -5.11 -36.17
C GLN D 148 20.34 -4.37 -37.18
N THR D 149 19.80 -5.11 -38.15
CA THR D 149 19.15 -4.50 -39.31
C THR D 149 17.89 -3.72 -38.93
N ASN D 150 17.86 -2.44 -39.28
CA ASN D 150 16.72 -1.59 -39.00
C ASN D 150 15.66 -1.66 -40.12
N VAL D 151 14.42 -1.85 -39.72
CA VAL D 151 13.28 -1.72 -40.64
C VAL D 151 12.72 -0.30 -40.56
N SER D 152 12.74 0.41 -41.70
CA SER D 152 12.31 1.80 -41.76
C SER D 152 10.79 1.91 -41.92
N GLN D 153 10.29 3.14 -42.00
CA GLN D 153 8.85 3.39 -42.06
C GLN D 153 8.24 2.99 -43.40
N SER D 154 6.92 3.19 -43.54
CA SER D 154 6.19 2.74 -44.72
C SER D 154 6.45 3.60 -45.98
N LYS D 155 7.04 4.78 -45.77
CA LYS D 155 7.32 5.74 -46.86
C LYS D 155 6.08 6.21 -47.62
N ASP D 156 6.08 6.03 -48.94
CA ASP D 156 4.89 6.23 -49.77
C ASP D 156 3.68 5.52 -49.19
N SER D 157 2.53 6.21 -49.19
CA SER D 157 1.33 5.75 -48.48
C SER D 157 0.78 4.41 -48.96
N ASP D 158 1.22 3.97 -50.14
CA ASP D 158 0.71 2.75 -50.76
C ASP D 158 1.38 1.47 -50.26
N VAL D 159 2.61 1.60 -49.78
CA VAL D 159 3.39 0.45 -49.34
C VAL D 159 3.37 0.29 -47.82
N TYR D 160 2.70 -0.76 -47.35
CA TYR D 160 2.70 -1.09 -45.93
C TYR D 160 3.82 -2.06 -45.61
N ILE D 161 4.57 -1.77 -44.55
CA ILE D 161 5.66 -2.62 -44.12
C ILE D 161 5.57 -2.90 -42.61
N THR D 162 5.51 -4.18 -42.25
CA THR D 162 5.37 -4.55 -40.84
C THR D 162 6.72 -4.46 -40.13
N ASP D 163 6.68 -4.41 -38.81
CA ASP D 163 7.89 -4.43 -37.99
C ASP D 163 8.52 -5.83 -37.97
N LYS D 164 9.66 -5.95 -37.30
CA LYS D 164 10.31 -7.24 -37.10
C LYS D 164 9.40 -8.20 -36.35
N CYS D 165 9.76 -9.47 -36.39
CA CYS D 165 9.04 -10.50 -35.67
C CYS D 165 10.00 -11.69 -35.53
N VAL D 166 10.07 -12.27 -34.34
CA VAL D 166 11.04 -13.34 -34.09
C VAL D 166 10.37 -14.69 -33.89
N LEU D 167 10.77 -15.67 -34.70
CA LEU D 167 10.24 -17.04 -34.58
C LEU D 167 11.29 -18.04 -34.09
N ASP D 168 10.98 -18.70 -32.98
CA ASP D 168 11.90 -19.62 -32.31
C ASP D 168 11.45 -21.07 -32.51
N MET D 169 11.82 -21.65 -33.66
CA MET D 169 11.65 -23.08 -33.89
C MET D 169 12.55 -23.87 -32.94
N ARG D 170 11.97 -24.33 -31.82
CA ARG D 170 12.75 -24.80 -30.66
C ARG D 170 13.56 -26.07 -30.91
N SER D 171 12.95 -27.06 -31.56
CA SER D 171 13.57 -28.35 -31.78
C SER D 171 14.56 -28.36 -32.95
N MET D 172 14.81 -27.18 -33.52
CA MET D 172 15.84 -27.00 -34.54
C MET D 172 17.01 -26.16 -34.05
N ASP D 173 16.76 -25.36 -33.00
CA ASP D 173 17.71 -24.33 -32.54
C ASP D 173 17.73 -23.14 -33.51
N PHE D 174 16.77 -23.11 -34.43
CA PHE D 174 16.73 -22.11 -35.49
C PHE D 174 15.84 -20.93 -35.10
N LYS D 175 16.42 -19.73 -35.12
CA LYS D 175 15.67 -18.49 -34.93
C LYS D 175 15.93 -17.58 -36.11
N SER D 176 14.94 -16.75 -36.45
CA SER D 176 15.08 -15.81 -37.56
C SER D 176 14.08 -14.65 -37.54
N ASN D 177 14.52 -13.51 -38.03
CA ASN D 177 13.66 -12.34 -38.18
C ASN D 177 12.97 -12.35 -39.54
N SER D 178 11.82 -11.69 -39.60
CA SER D 178 11.14 -11.47 -40.86
C SER D 178 10.28 -10.21 -40.77
N ALA D 179 10.00 -9.64 -41.94
CA ALA D 179 9.09 -8.53 -42.05
C ALA D 179 8.34 -8.70 -43.35
N VAL D 180 7.10 -8.22 -43.38
CA VAL D 180 6.22 -8.41 -44.52
C VAL D 180 5.92 -7.06 -45.16
N ALA D 181 5.75 -7.06 -46.48
CA ALA D 181 5.41 -5.85 -47.22
C ALA D 181 4.35 -6.13 -48.26
N TRP D 182 3.50 -5.13 -48.52
CA TRP D 182 2.51 -5.23 -49.58
C TRP D 182 1.94 -3.89 -49.93
N SER D 183 1.20 -3.85 -51.04
CA SER D 183 0.48 -2.65 -51.46
C SER D 183 -0.63 -3.04 -52.43
N ASN D 184 -1.65 -2.20 -52.52
CA ASN D 184 -2.66 -2.33 -53.56
C ASN D 184 -2.26 -1.51 -54.79
N LYS D 185 -1.19 -0.72 -54.63
CA LYS D 185 -0.61 0.02 -55.76
C LYS D 185 -0.31 -0.94 -56.91
N SER D 186 -0.30 -0.40 -58.13
CA SER D 186 -0.34 -1.23 -59.34
C SER D 186 0.91 -2.09 -59.49
N ASP D 187 0.90 -3.23 -58.79
CA ASP D 187 1.92 -4.28 -58.94
C ASP D 187 3.36 -3.76 -58.91
N PHE D 188 3.69 -2.98 -57.88
CA PHE D 188 5.07 -2.56 -57.64
C PHE D 188 5.92 -3.71 -57.10
N ALA D 189 7.24 -3.57 -57.22
CA ALA D 189 8.16 -4.70 -57.11
C ALA D 189 8.71 -4.90 -55.70
N CYS D 190 8.88 -6.17 -55.31
CA CYS D 190 9.57 -6.50 -54.06
C CYS D 190 11.04 -6.09 -54.15
N ALA D 191 11.60 -6.17 -55.35
CA ALA D 191 13.01 -5.85 -55.59
C ALA D 191 13.45 -4.57 -54.88
N ASN D 192 12.57 -3.58 -54.84
CA ASN D 192 12.89 -2.27 -54.28
C ASN D 192 11.96 -1.85 -53.14
N ALA D 193 11.13 -2.77 -52.68
CA ALA D 193 10.11 -2.47 -51.68
C ALA D 193 10.69 -2.19 -50.29
N PHE D 194 11.86 -2.78 -50.01
CA PHE D 194 12.54 -2.56 -48.73
C PHE D 194 13.67 -1.53 -48.84
N ASN D 195 13.51 -0.58 -49.76
CA ASN D 195 14.40 0.58 -49.87
C ASN D 195 15.89 0.24 -49.88
N ASN D 196 16.37 -0.23 -51.05
CA ASN D 196 17.80 -0.48 -51.24
C ASN D 196 18.28 -0.02 -52.62
N SER D 197 18.62 1.27 -52.72
CA SER D 197 19.05 1.90 -53.98
C SER D 197 18.24 1.44 -55.19
N ILE D 198 16.97 1.86 -55.24
CA ILE D 198 16.03 1.45 -56.28
C ILE D 198 16.66 1.38 -57.68
N ILE D 199 16.83 0.17 -58.19
CA ILE D 199 17.28 -0.06 -59.56
C ILE D 199 17.09 -1.52 -59.98
N ASP E 2 -7.60 -21.60 -6.76
CA ASP E 2 -7.24 -20.81 -7.97
C ASP E 2 -6.91 -19.36 -7.63
N THR E 3 -5.65 -18.98 -7.77
CA THR E 3 -5.21 -17.60 -7.52
C THR E 3 -5.44 -16.72 -8.75
N GLU E 4 -6.66 -16.75 -9.27
CA GLU E 4 -6.99 -16.11 -10.54
C GLU E 4 -8.22 -15.21 -10.41
N VAL E 5 -8.08 -13.96 -10.84
CA VAL E 5 -9.22 -13.06 -10.99
C VAL E 5 -9.73 -13.14 -12.42
N THR E 6 -11.05 -13.25 -12.58
CA THR E 6 -11.61 -13.35 -13.92
C THR E 6 -12.44 -12.12 -14.27
N GLN E 7 -12.37 -11.74 -15.55
CA GLN E 7 -13.12 -10.60 -16.06
C GLN E 7 -13.87 -11.02 -17.32
N THR E 8 -15.14 -10.62 -17.42
CA THR E 8 -15.82 -10.59 -18.72
C THR E 8 -16.51 -9.24 -18.95
N PRO E 9 -16.71 -8.85 -20.23
CA PRO E 9 -16.16 -9.54 -21.41
C PRO E 9 -14.68 -9.21 -21.59
N LYS E 10 -14.00 -10.06 -22.33
CA LYS E 10 -12.58 -9.89 -22.60
C LYS E 10 -12.36 -8.75 -23.59
N HIS E 11 -13.26 -8.62 -24.56
CA HIS E 11 -13.21 -7.53 -25.54
C HIS E 11 -14.56 -6.91 -25.67
N LEU E 12 -14.60 -5.62 -25.98
CA LEU E 12 -15.86 -4.91 -26.07
C LEU E 12 -15.75 -3.69 -26.98
N VAL E 13 -16.74 -3.51 -27.84
CA VAL E 13 -16.82 -2.31 -28.66
C VAL E 13 -18.12 -1.55 -28.41
N MET E 14 -18.01 -0.23 -28.27
CA MET E 14 -19.15 0.61 -27.88
C MET E 14 -19.24 1.86 -28.73
N GLY E 15 -20.47 2.30 -28.99
CA GLY E 15 -20.70 3.65 -29.50
C GLY E 15 -20.87 4.60 -28.32
N MET E 16 -21.21 5.85 -28.61
CA MET E 16 -21.30 6.86 -27.56
C MET E 16 -22.66 6.90 -26.84
N THR E 17 -23.53 5.97 -27.21
CA THR E 17 -24.92 5.95 -26.76
C THR E 17 -25.16 4.76 -25.82
N ASN E 18 -24.32 3.75 -25.93
CA ASN E 18 -24.59 2.42 -25.39
C ASN E 18 -24.46 2.32 -23.87
N LYS E 19 -25.13 1.31 -23.32
CA LYS E 19 -24.89 0.86 -21.95
C LYS E 19 -24.31 -0.56 -21.98
N LYS E 20 -23.19 -0.76 -21.29
CA LYS E 20 -22.59 -2.08 -21.13
C LYS E 20 -22.15 -2.31 -19.68
N SER E 21 -21.86 -3.55 -19.35
CA SER E 21 -21.38 -3.86 -18.02
C SER E 21 -20.16 -4.76 -18.04
N LEU E 22 -19.12 -4.33 -17.34
CA LEU E 22 -17.98 -5.19 -17.10
C LEU E 22 -18.21 -5.96 -15.81
N LYS E 23 -17.83 -7.22 -15.80
CA LYS E 23 -17.98 -8.03 -14.60
C LYS E 23 -16.63 -8.59 -14.19
N CYS E 24 -16.41 -8.62 -12.88
CA CYS E 24 -15.16 -9.12 -12.34
C CYS E 24 -15.45 -10.08 -11.20
N GLU E 25 -14.73 -11.18 -11.17
CA GLU E 25 -14.98 -12.19 -10.18
C GLU E 25 -13.68 -12.74 -9.64
N GLN E 26 -13.75 -13.22 -8.41
CA GLN E 26 -12.56 -13.55 -7.65
C GLN E 26 -13.00 -14.54 -6.55
N HIS E 27 -12.24 -15.63 -6.39
CA HIS E 27 -12.65 -16.75 -5.52
C HIS E 27 -11.70 -16.98 -4.38
N MET E 28 -10.76 -16.06 -4.17
CA MET E 28 -9.69 -16.25 -3.21
C MET E 28 -10.10 -15.89 -1.78
N GLY E 29 -11.33 -15.43 -1.61
CA GLY E 29 -11.81 -15.01 -0.30
C GLY E 29 -11.40 -13.59 0.08
N HIS E 30 -10.84 -12.86 -0.88
CA HIS E 30 -10.37 -11.50 -0.66
C HIS E 30 -11.48 -10.54 -0.38
N ARG E 31 -11.21 -9.55 0.45
CA ARG E 31 -12.23 -8.54 0.83
C ARG E 31 -11.91 -7.15 0.26
N ALA E 32 -10.90 -7.05 -0.60
CA ALA E 32 -10.62 -5.80 -1.28
C ALA E 32 -10.45 -6.00 -2.78
N MET E 33 -11.14 -5.18 -3.56
CA MET E 33 -11.14 -5.31 -5.01
C MET E 33 -11.03 -3.95 -5.68
N TYR E 34 -10.34 -3.91 -6.82
CA TYR E 34 -9.94 -2.65 -7.42
C TYR E 34 -10.38 -2.60 -8.87
N TRP E 35 -10.76 -1.41 -9.33
CA TRP E 35 -10.87 -1.14 -10.75
C TRP E 35 -9.77 -0.21 -11.16
N TYR E 36 -9.16 -0.49 -12.30
CA TYR E 36 -8.18 0.42 -12.93
C TYR E 36 -8.54 0.68 -14.39
N LYS E 37 -8.03 1.79 -14.90
CA LYS E 37 -8.06 2.13 -16.31
C LYS E 37 -6.60 2.24 -16.80
N GLN E 38 -6.29 1.64 -17.95
CA GLN E 38 -4.94 1.75 -18.53
C GLN E 38 -4.90 2.12 -20.00
N LYS E 39 -4.25 3.24 -20.30
CA LYS E 39 -4.01 3.67 -21.68
C LYS E 39 -2.66 3.12 -22.13
N ALA E 40 -2.39 3.17 -23.43
CA ALA E 40 -1.12 2.68 -23.97
C ALA E 40 0.04 3.54 -23.50
N LYS E 41 1.17 2.89 -23.24
CA LYS E 41 2.40 3.57 -22.79
C LYS E 41 2.30 4.11 -21.36
N LYS E 42 1.20 3.82 -20.67
CA LYS E 42 1.04 4.29 -19.29
C LYS E 42 0.84 3.16 -18.28
N PRO E 43 1.10 3.44 -17.00
CA PRO E 43 0.79 2.44 -15.99
C PRO E 43 -0.70 2.45 -15.67
N PRO E 44 -1.20 1.39 -15.03
CA PRO E 44 -2.57 1.35 -14.53
C PRO E 44 -2.88 2.57 -13.67
N GLU E 45 -4.03 3.18 -13.89
CA GLU E 45 -4.47 4.29 -13.06
C GLU E 45 -5.70 3.85 -12.26
N LEU E 46 -5.57 3.89 -10.94
CA LEU E 46 -6.65 3.49 -10.04
C LEU E 46 -7.90 4.33 -10.23
N MET E 47 -9.05 3.67 -10.26
CA MET E 47 -10.36 4.31 -10.31
C MET E 47 -11.09 4.13 -8.98
N PHE E 48 -11.21 2.88 -8.55
CA PHE E 48 -12.02 2.55 -7.38
C PHE E 48 -11.30 1.53 -6.49
N VAL E 49 -11.40 1.73 -5.18
CA VAL E 49 -11.18 0.64 -4.21
C VAL E 49 -12.45 0.31 -3.44
N TYR E 50 -12.71 -0.97 -3.26
CA TYR E 50 -13.78 -1.42 -2.37
C TYR E 50 -13.17 -2.25 -1.26
N SER E 51 -13.55 -1.96 -0.02
CA SER E 51 -13.27 -2.83 1.13
C SER E 51 -14.58 -3.25 1.78
N TYR E 52 -14.73 -4.55 2.03
CA TYR E 52 -15.92 -5.10 2.68
C TYR E 52 -17.19 -4.63 2.00
N GLU E 53 -17.22 -4.86 0.69
CA GLU E 53 -18.30 -4.42 -0.20
C GLU E 53 -18.71 -2.97 -0.05
N LYS E 54 -17.82 -2.14 0.50
CA LYS E 54 -18.06 -0.71 0.58
C LYS E 54 -17.00 0.07 -0.21
N LEU E 55 -17.45 1.14 -0.86
CA LEU E 55 -16.59 2.00 -1.63
C LEU E 55 -15.66 2.79 -0.72
N SER E 56 -14.37 2.60 -0.90
CA SER E 56 -13.36 3.16 -0.02
C SER E 56 -12.65 4.33 -0.67
N ILE E 57 -12.41 4.21 -1.98
CA ILE E 57 -11.65 5.20 -2.73
C ILE E 57 -12.31 5.42 -4.09
N ASN E 58 -12.57 6.69 -4.40
CA ASN E 58 -13.03 7.10 -5.71
C ASN E 58 -12.07 8.16 -6.22
N GLU E 59 -11.33 7.83 -7.28
CA GLU E 59 -10.31 8.74 -7.79
C GLU E 59 -10.90 9.74 -8.78
N SER E 60 -11.91 10.48 -8.34
CA SER E 60 -12.66 11.39 -9.22
C SER E 60 -13.03 10.70 -10.54
N VAL E 61 -13.75 9.59 -10.43
CA VAL E 61 -14.18 8.87 -11.61
C VAL E 61 -15.46 9.50 -12.14
N PRO E 62 -15.46 9.90 -13.42
CA PRO E 62 -16.67 10.46 -14.02
C PRO E 62 -17.88 9.54 -13.85
N SER E 63 -19.07 10.14 -13.76
CA SER E 63 -20.30 9.41 -13.43
C SER E 63 -20.72 8.42 -14.51
N ARG E 64 -20.09 8.53 -15.69
CA ARG E 64 -20.37 7.59 -16.76
C ARG E 64 -19.87 6.18 -16.44
N PHE E 65 -18.98 6.08 -15.46
CA PHE E 65 -18.60 4.79 -14.87
C PHE E 65 -19.32 4.61 -13.54
N SER E 66 -20.14 3.57 -13.44
CA SER E 66 -20.86 3.31 -12.20
C SER E 66 -20.51 1.94 -11.64
N PRO E 67 -19.75 1.91 -10.53
CA PRO E 67 -19.29 0.65 -9.93
C PRO E 67 -20.38 0.00 -9.07
N GLU E 68 -20.30 -1.31 -8.90
CA GLU E 68 -21.24 -2.05 -8.05
C GLU E 68 -20.52 -3.22 -7.39
N CYS E 69 -20.87 -3.50 -6.12
CA CYS E 69 -20.36 -4.68 -5.43
C CYS E 69 -21.49 -5.54 -4.85
N PRO E 70 -21.94 -6.57 -5.59
CA PRO E 70 -23.05 -7.42 -5.16
C PRO E 70 -22.70 -8.24 -3.93
N ASN E 71 -21.46 -8.72 -3.88
CA ASN E 71 -20.94 -9.49 -2.75
C ASN E 71 -19.40 -9.54 -2.81
N SER E 72 -18.79 -10.12 -1.80
CA SER E 72 -17.34 -10.02 -1.62
C SER E 72 -16.58 -10.66 -2.77
N SER E 73 -17.31 -11.29 -3.69
CA SER E 73 -16.67 -12.08 -4.72
C SER E 73 -16.72 -11.35 -6.06
N LEU E 74 -17.69 -10.45 -6.19
CA LEU E 74 -17.99 -9.80 -7.47
C LEU E 74 -17.83 -8.29 -7.38
N LEU E 75 -17.32 -7.72 -8.46
CA LEU E 75 -17.30 -6.27 -8.66
C LEU E 75 -17.76 -6.02 -10.09
N ASN E 76 -18.70 -5.09 -10.25
CA ASN E 76 -19.16 -4.73 -11.59
C ASN E 76 -18.75 -3.33 -11.93
N LEU E 77 -18.68 -3.04 -13.22
CA LEU E 77 -18.49 -1.67 -13.70
C LEU E 77 -19.45 -1.41 -14.84
N HIS E 78 -20.47 -0.60 -14.58
CA HIS E 78 -21.48 -0.27 -15.57
C HIS E 78 -21.08 0.97 -16.31
N LEU E 79 -21.22 0.90 -17.63
CA LEU E 79 -20.68 1.90 -18.54
C LEU E 79 -21.84 2.50 -19.31
N HIS E 80 -21.92 3.83 -19.35
CA HIS E 80 -23.08 4.51 -19.90
C HIS E 80 -22.65 5.78 -20.55
N ALA E 81 -22.88 5.88 -21.85
CA ALA E 81 -22.63 7.11 -22.63
C ALA E 81 -21.20 7.59 -22.52
N LEU E 82 -20.29 6.79 -23.08
CA LEU E 82 -18.86 7.09 -22.99
C LEU E 82 -18.40 7.94 -24.17
N GLN E 83 -17.11 8.26 -24.17
CA GLN E 83 -16.47 8.96 -25.29
C GLN E 83 -15.38 8.06 -25.86
N PRO E 84 -14.92 8.33 -27.10
CA PRO E 84 -13.80 7.60 -27.69
C PRO E 84 -12.55 7.56 -26.81
N GLU E 85 -12.33 8.64 -26.05
CA GLU E 85 -11.16 8.77 -25.18
C GLU E 85 -11.22 7.82 -23.97
N ASP E 86 -12.39 7.23 -23.73
CA ASP E 86 -12.53 6.19 -22.70
C ASP E 86 -12.00 4.82 -23.17
N SER E 87 -11.66 4.70 -24.45
CA SER E 87 -11.01 3.49 -24.96
C SER E 87 -9.77 3.16 -24.13
N ALA E 88 -9.73 1.97 -23.56
CA ALA E 88 -8.63 1.59 -22.67
C ALA E 88 -8.69 0.13 -22.22
N LEU E 89 -7.60 -0.33 -21.61
CA LEU E 89 -7.62 -1.59 -20.87
C LEU E 89 -8.24 -1.34 -19.48
N TYR E 90 -9.36 -2.00 -19.20
CA TYR E 90 -9.97 -1.92 -17.89
C TYR E 90 -9.65 -3.14 -17.03
N LEU E 91 -8.77 -2.92 -16.06
CA LEU E 91 -8.23 -3.99 -15.26
C LEU E 91 -8.92 -4.07 -13.91
N CYS E 92 -9.42 -5.25 -13.61
CA CYS E 92 -9.89 -5.57 -12.28
C CYS E 92 -8.76 -6.19 -11.45
N ALA E 93 -8.76 -5.92 -10.15
CA ALA E 93 -7.77 -6.51 -9.26
C ALA E 93 -8.30 -6.80 -7.87
N SER E 94 -7.58 -7.66 -7.16
CA SER E 94 -8.03 -8.24 -5.90
C SER E 94 -6.84 -8.27 -4.95
N SER E 95 -7.10 -8.13 -3.65
CA SER E 95 -6.03 -8.22 -2.65
C SER E 95 -6.56 -8.66 -1.28
N PRO E 96 -5.71 -9.33 -0.47
CA PRO E 96 -6.10 -9.59 0.92
C PRO E 96 -6.16 -8.30 1.73
N THR E 97 -6.85 -8.32 2.86
CA THR E 97 -6.90 -7.17 3.74
C THR E 97 -6.04 -7.38 4.99
N SER E 98 -5.37 -8.53 5.05
CA SER E 98 -4.51 -8.91 6.17
C SER E 98 -3.47 -9.94 5.72
N GLY E 99 -2.42 -10.12 6.51
CA GLY E 99 -1.34 -11.07 6.17
C GLY E 99 -0.23 -10.41 5.38
N ILE E 100 -0.03 -10.87 4.15
CA ILE E 100 1.01 -10.31 3.28
C ILE E 100 0.36 -9.57 2.11
N TYR E 101 0.56 -8.26 2.03
CA TYR E 101 -0.12 -7.49 0.98
C TYR E 101 0.40 -7.81 -0.41
N GLU E 102 -0.53 -7.83 -1.36
CA GLU E 102 -0.28 -8.32 -2.72
C GLU E 102 -1.49 -7.94 -3.55
N GLN E 103 -1.31 -7.74 -4.85
CA GLN E 103 -2.47 -7.55 -5.72
C GLN E 103 -2.44 -8.53 -6.91
N TYR E 104 -3.57 -9.18 -7.13
CA TYR E 104 -3.74 -10.05 -8.29
C TYR E 104 -4.59 -9.33 -9.34
N PHE E 105 -4.05 -9.21 -10.54
CA PHE E 105 -4.76 -8.54 -11.63
C PHE E 105 -5.54 -9.54 -12.49
N GLY E 106 -6.68 -9.09 -13.00
CA GLY E 106 -7.42 -9.84 -14.01
C GLY E 106 -6.74 -9.68 -15.35
N PRO E 107 -7.25 -10.37 -16.38
CA PRO E 107 -6.70 -10.22 -17.73
C PRO E 107 -7.10 -8.90 -18.37
N GLY E 108 -8.21 -8.33 -17.91
CA GLY E 108 -8.65 -7.01 -18.36
C GLY E 108 -9.75 -7.08 -19.40
N THR E 109 -10.51 -5.99 -19.52
CA THR E 109 -11.41 -5.79 -20.66
C THR E 109 -10.80 -4.79 -21.64
N ARG E 110 -10.66 -5.20 -22.89
CA ARG E 110 -10.19 -4.27 -23.92
C ARG E 110 -11.38 -3.52 -24.53
N LEU E 111 -11.50 -2.25 -24.18
CA LEU E 111 -12.65 -1.45 -24.58
C LEU E 111 -12.30 -0.47 -25.70
N THR E 112 -13.06 -0.53 -26.78
CA THR E 112 -13.01 0.51 -27.80
C THR E 112 -14.35 1.25 -27.88
N VAL E 113 -14.31 2.54 -27.61
CA VAL E 113 -15.47 3.38 -27.83
C VAL E 113 -15.23 4.15 -29.11
N THR E 114 -16.19 4.10 -30.03
CA THR E 114 -16.05 4.85 -31.28
C THR E 114 -17.24 5.76 -31.55
N GLU E 115 -17.02 6.81 -32.34
CA GLU E 115 -18.06 7.81 -32.61
C GLU E 115 -19.31 7.20 -33.23
N ASP E 116 -19.12 6.26 -34.15
CA ASP E 116 -20.26 5.55 -34.76
C ASP E 116 -19.91 4.10 -35.06
N LEU E 117 -20.87 3.22 -34.78
CA LEU E 117 -20.69 1.78 -35.01
C LEU E 117 -20.46 1.44 -36.49
N LYS E 118 -20.63 2.43 -37.37
CA LYS E 118 -20.37 2.25 -38.79
C LYS E 118 -18.86 2.23 -39.10
N ASN E 119 -18.04 2.46 -38.08
CA ASN E 119 -16.59 2.36 -38.22
C ASN E 119 -16.08 0.93 -38.09
N VAL E 120 -16.96 0.04 -37.64
CA VAL E 120 -16.58 -1.31 -37.25
C VAL E 120 -16.67 -2.28 -38.41
N PHE E 121 -15.54 -2.91 -38.75
CA PHE E 121 -15.44 -3.85 -39.87
C PHE E 121 -14.66 -5.11 -39.47
N PRO E 122 -15.12 -6.29 -39.94
CA PRO E 122 -14.33 -7.52 -39.83
C PRO E 122 -13.10 -7.49 -40.74
N PRO E 123 -12.12 -8.39 -40.52
CA PRO E 123 -10.97 -8.41 -41.41
C PRO E 123 -11.26 -9.20 -42.68
N GLU E 124 -10.60 -8.82 -43.76
CA GLU E 124 -10.40 -9.74 -44.88
C GLU E 124 -9.08 -10.45 -44.67
N VAL E 125 -9.07 -11.75 -44.96
CA VAL E 125 -7.92 -12.59 -44.64
C VAL E 125 -7.46 -13.32 -45.90
N ALA E 126 -6.16 -13.22 -46.21
CA ALA E 126 -5.58 -13.99 -47.30
C ALA E 126 -4.36 -14.80 -46.85
N VAL E 127 -4.17 -15.94 -47.48
CA VAL E 127 -2.96 -16.75 -47.28
C VAL E 127 -2.09 -16.73 -48.52
N PHE E 128 -0.80 -16.46 -48.33
CA PHE E 128 0.12 -16.40 -49.46
C PHE E 128 1.11 -17.55 -49.46
N GLU E 129 1.18 -18.24 -50.59
CA GLU E 129 2.01 -19.43 -50.74
C GLU E 129 3.50 -19.12 -50.68
N PRO E 130 4.30 -20.08 -50.19
CA PRO E 130 5.74 -19.93 -50.10
C PRO E 130 6.39 -19.67 -51.46
N SER E 131 7.44 -18.84 -51.47
CA SER E 131 8.16 -18.55 -52.70
C SER E 131 8.97 -19.76 -53.14
N GLU E 132 9.13 -19.92 -54.45
CA GLU E 132 9.95 -20.99 -54.99
C GLU E 132 11.42 -20.71 -54.71
N ALA E 133 11.77 -19.42 -54.65
CA ALA E 133 13.14 -19.01 -54.38
C ALA E 133 13.61 -19.37 -52.98
N GLU E 134 12.72 -19.24 -51.99
CA GLU E 134 13.09 -19.58 -50.61
C GLU E 134 13.33 -21.08 -50.52
N ILE E 135 12.45 -21.83 -51.17
CA ILE E 135 12.60 -23.27 -51.25
C ILE E 135 13.96 -23.64 -51.86
N SER E 136 14.28 -23.04 -53.00
CA SER E 136 15.56 -23.23 -53.66
C SER E 136 16.75 -22.80 -52.81
N HIS E 137 16.59 -21.71 -52.07
CA HIS E 137 17.66 -21.17 -51.23
C HIS E 137 17.89 -22.04 -50.03
N THR E 138 16.81 -22.41 -49.33
CA THR E 138 16.92 -22.89 -47.96
C THR E 138 16.24 -24.24 -47.73
N GLN E 139 15.35 -24.63 -48.64
CA GLN E 139 14.53 -25.83 -48.44
C GLN E 139 13.57 -25.68 -47.25
N LYS E 140 13.36 -24.43 -46.82
CA LYS E 140 12.22 -24.08 -46.00
C LYS E 140 11.12 -23.47 -46.88
N ALA E 141 9.90 -23.42 -46.35
CA ALA E 141 8.75 -22.82 -47.03
C ALA E 141 7.95 -21.99 -46.04
N THR E 142 7.90 -20.69 -46.25
CA THR E 142 7.20 -19.81 -45.34
C THR E 142 5.87 -19.34 -45.92
N LEU E 143 4.79 -19.64 -45.22
CA LEU E 143 3.48 -19.08 -45.55
C LEU E 143 3.27 -17.77 -44.82
N VAL E 144 2.52 -16.87 -45.45
CA VAL E 144 2.23 -15.58 -44.85
C VAL E 144 0.72 -15.36 -44.82
N CYS E 145 0.21 -15.00 -43.65
CA CYS E 145 -1.19 -14.63 -43.50
C CYS E 145 -1.34 -13.14 -43.27
N LEU E 146 -2.17 -12.51 -44.10
CA LEU E 146 -2.41 -11.08 -44.03
C LEU E 146 -3.88 -10.78 -43.77
N ALA E 147 -4.17 -10.18 -42.63
CA ALA E 147 -5.53 -9.77 -42.29
C ALA E 147 -5.61 -8.25 -42.39
N THR E 148 -6.60 -7.76 -43.13
CA THR E 148 -6.67 -6.33 -43.43
C THR E 148 -8.06 -5.71 -43.22
N GLY E 149 -8.10 -4.38 -43.10
CA GLY E 149 -9.33 -3.61 -43.05
C GLY E 149 -10.21 -3.80 -41.82
N PHE E 150 -9.61 -4.10 -40.67
CA PHE E 150 -10.41 -4.33 -39.47
C PHE E 150 -10.43 -3.16 -38.48
N TYR E 151 -11.58 -2.97 -37.85
CA TYR E 151 -11.75 -2.05 -36.72
C TYR E 151 -12.82 -2.64 -35.80
N PRO E 152 -12.54 -2.69 -34.48
CA PRO E 152 -11.38 -2.13 -33.78
C PRO E 152 -10.11 -2.94 -34.01
N ASP E 153 -9.06 -2.60 -33.26
CA ASP E 153 -7.70 -2.98 -33.61
C ASP E 153 -7.22 -4.23 -32.88
N HIS E 154 -8.07 -5.24 -32.79
CA HIS E 154 -7.71 -6.44 -32.03
C HIS E 154 -8.28 -7.70 -32.59
N VAL E 155 -7.38 -8.61 -32.93
CA VAL E 155 -7.76 -9.93 -33.42
C VAL E 155 -6.88 -10.99 -32.75
N GLU E 156 -7.38 -12.22 -32.66
CA GLU E 156 -6.54 -13.36 -32.31
C GLU E 156 -6.27 -14.23 -33.53
N LEU E 157 -4.99 -14.29 -33.92
CA LEU E 157 -4.58 -15.06 -35.11
C LEU E 157 -3.96 -16.39 -34.74
N SER E 158 -4.33 -17.44 -35.48
CA SER E 158 -3.77 -18.77 -35.24
C SER E 158 -3.65 -19.57 -36.54
N TRP E 159 -2.68 -20.48 -36.58
CA TRP E 159 -2.49 -21.37 -37.72
C TRP E 159 -2.97 -22.76 -37.46
N TRP E 160 -3.52 -23.38 -38.50
CA TRP E 160 -4.14 -24.68 -38.39
C TRP E 160 -3.68 -25.58 -39.49
N VAL E 161 -2.98 -26.65 -39.12
CA VAL E 161 -2.43 -27.57 -40.10
C VAL E 161 -3.10 -28.94 -39.97
N ASN E 162 -3.77 -29.35 -41.05
CA ASN E 162 -4.56 -30.58 -41.07
C ASN E 162 -5.50 -30.66 -39.89
N GLY E 163 -6.29 -29.59 -39.72
CA GLY E 163 -7.33 -29.52 -38.71
C GLY E 163 -6.84 -29.45 -37.28
N LYS E 164 -5.62 -28.96 -37.09
CA LYS E 164 -5.03 -28.92 -35.75
C LYS E 164 -4.18 -27.65 -35.59
N GLU E 165 -4.48 -26.88 -34.55
CA GLU E 165 -3.72 -25.66 -34.27
C GLU E 165 -2.25 -25.99 -34.10
N VAL E 166 -1.39 -25.17 -34.71
CA VAL E 166 0.06 -25.31 -34.54
C VAL E 166 0.64 -24.05 -33.93
N HIS E 167 1.66 -24.21 -33.10
CA HIS E 167 2.39 -23.08 -32.52
C HIS E 167 3.83 -23.10 -32.96
N SER E 168 4.24 -24.22 -33.54
CA SER E 168 5.62 -24.39 -33.96
C SER E 168 5.89 -23.70 -35.30
N GLY E 169 6.87 -22.81 -35.30
CA GLY E 169 7.31 -22.14 -36.52
C GLY E 169 6.38 -21.02 -36.93
N VAL E 170 5.70 -20.45 -35.95
CA VAL E 170 4.77 -19.35 -36.19
C VAL E 170 5.34 -18.11 -35.55
N CYS E 171 5.24 -16.97 -36.23
CA CYS E 171 5.48 -15.69 -35.59
C CYS E 171 4.52 -14.65 -36.13
N THR E 172 3.92 -13.90 -35.22
CA THR E 172 2.89 -12.94 -35.57
C THR E 172 3.31 -11.57 -35.08
N ASP E 173 3.04 -10.55 -35.87
CA ASP E 173 3.22 -9.18 -35.41
C ASP E 173 2.60 -9.03 -34.03
N PRO E 174 3.38 -8.55 -33.06
CA PRO E 174 2.86 -8.40 -31.70
C PRO E 174 1.82 -7.28 -31.61
N GLN E 175 1.80 -6.41 -32.61
CA GLN E 175 0.88 -5.27 -32.64
C GLN E 175 0.34 -5.02 -34.05
N PRO E 176 -0.99 -4.78 -34.16
CA PRO E 176 -1.63 -4.43 -35.43
C PRO E 176 -1.01 -3.21 -36.08
N LEU E 177 -1.06 -3.14 -37.41
CA LEU E 177 -0.58 -2.00 -38.15
C LEU E 177 -1.72 -1.07 -38.52
N LYS E 178 -1.53 0.22 -38.29
CA LYS E 178 -2.47 1.25 -38.72
C LYS E 178 -2.34 1.47 -40.24
N GLU E 179 -3.38 1.10 -40.98
CA GLU E 179 -3.33 1.12 -42.44
C GLU E 179 -3.04 2.51 -43.03
N GLN E 180 -3.65 3.54 -42.47
CA GLN E 180 -3.32 4.92 -42.85
C GLN E 180 -3.44 5.85 -41.64
N PRO E 181 -2.30 6.20 -41.02
CA PRO E 181 -2.28 6.96 -39.77
C PRO E 181 -2.90 8.37 -39.89
N ALA E 182 -3.45 8.68 -41.07
CA ALA E 182 -4.16 9.93 -41.27
C ALA E 182 -5.42 10.01 -40.40
N LEU E 183 -6.34 9.08 -40.62
CA LEU E 183 -7.58 9.05 -39.86
C LEU E 183 -7.33 8.64 -38.41
N ASN E 184 -8.01 9.34 -37.49
CA ASN E 184 -8.00 8.95 -36.08
C ASN E 184 -8.83 7.69 -35.82
N ASP E 185 -9.37 7.13 -36.89
CA ASP E 185 -10.30 5.99 -36.80
C ASP E 185 -10.07 4.99 -37.94
N SER E 186 -8.87 4.97 -38.50
CA SER E 186 -8.55 4.12 -39.65
C SER E 186 -8.58 2.64 -39.30
N ARG E 187 -8.67 1.81 -40.33
CA ARG E 187 -8.67 0.37 -40.15
C ARG E 187 -7.25 -0.17 -39.98
N TYR E 188 -7.15 -1.42 -39.51
CA TYR E 188 -5.86 -1.98 -39.16
C TYR E 188 -5.57 -3.24 -39.95
N ALA E 189 -4.29 -3.59 -40.03
CA ALA E 189 -3.86 -4.84 -40.64
C ALA E 189 -2.90 -5.60 -39.72
N LEU E 190 -2.89 -6.92 -39.85
CA LEU E 190 -1.94 -7.74 -39.11
C LEU E 190 -1.40 -8.83 -40.02
N SER E 191 -0.16 -9.25 -39.81
CA SER E 191 0.40 -10.39 -40.53
C SER E 191 1.00 -11.46 -39.63
N SER E 192 1.02 -12.69 -40.12
CA SER E 192 1.68 -13.79 -39.45
C SER E 192 2.48 -14.65 -40.42
N ARG E 193 3.47 -15.39 -39.90
CA ARG E 193 4.30 -16.28 -40.69
C ARG E 193 4.32 -17.69 -40.12
N LEU E 194 4.13 -18.68 -40.99
CA LEU E 194 4.30 -20.09 -40.63
C LEU E 194 5.36 -20.77 -41.52
N ARG E 195 6.47 -21.17 -40.90
CA ARG E 195 7.61 -21.70 -41.65
C ARG E 195 7.73 -23.20 -41.49
N VAL E 196 7.51 -23.94 -42.57
CA VAL E 196 7.62 -25.39 -42.58
C VAL E 196 8.76 -25.84 -43.51
N SER E 197 9.03 -27.15 -43.53
CA SER E 197 9.99 -27.71 -44.46
C SER E 197 9.40 -27.73 -45.87
N ALA E 198 10.25 -27.68 -46.88
CA ALA E 198 9.81 -27.68 -48.27
C ALA E 198 9.02 -28.93 -48.63
N THR E 199 9.45 -30.09 -48.13
CA THR E 199 8.79 -31.36 -48.42
C THR E 199 7.36 -31.39 -47.88
N PHE E 200 7.18 -30.92 -46.65
CA PHE E 200 5.85 -30.84 -46.05
C PHE E 200 4.93 -29.91 -46.84
N TRP E 201 5.46 -28.75 -47.23
CA TRP E 201 4.71 -27.85 -48.09
C TRP E 201 4.38 -28.49 -49.40
N GLN E 202 5.25 -29.40 -49.84
CA GLN E 202 5.15 -29.97 -51.20
C GLN E 202 4.28 -31.23 -51.27
N ASN E 203 3.81 -31.70 -50.10
CA ASN E 203 2.81 -32.77 -50.06
C ASN E 203 1.39 -32.20 -50.15
N PRO E 204 0.74 -32.38 -51.32
CA PRO E 204 -0.50 -31.68 -51.67
C PRO E 204 -1.73 -32.18 -50.90
N ARG E 205 -1.50 -33.04 -49.91
CA ARG E 205 -2.58 -33.46 -49.02
C ARG E 205 -2.67 -32.56 -47.79
N ASN E 206 -1.56 -31.88 -47.49
CA ASN E 206 -1.51 -30.96 -46.36
C ASN E 206 -2.41 -29.73 -46.52
N HIS E 207 -3.14 -29.44 -45.45
CA HIS E 207 -4.11 -28.34 -45.43
C HIS E 207 -3.63 -27.32 -44.43
N PHE E 208 -3.49 -26.08 -44.89
CA PHE E 208 -3.05 -24.98 -44.02
C PHE E 208 -4.15 -23.93 -43.92
N ARG E 209 -4.64 -23.69 -42.71
CA ARG E 209 -5.66 -22.64 -42.51
C ARG E 209 -5.17 -21.54 -41.57
N CYS E 210 -5.26 -20.31 -42.03
CA CYS E 210 -5.04 -19.16 -41.18
C CYS E 210 -6.36 -18.69 -40.61
N GLN E 211 -6.45 -18.70 -39.28
CA GLN E 211 -7.70 -18.35 -38.60
C GLN E 211 -7.54 -17.03 -37.84
N VAL E 212 -8.48 -16.11 -38.07
CA VAL E 212 -8.45 -14.80 -37.42
C VAL E 212 -9.75 -14.49 -36.68
N GLN E 213 -9.76 -14.68 -35.37
CA GLN E 213 -10.89 -14.34 -34.52
C GLN E 213 -11.03 -12.82 -34.42
N PHE E 214 -12.21 -12.33 -34.78
CA PHE E 214 -12.50 -10.89 -34.71
C PHE E 214 -13.47 -10.59 -33.57
N TYR E 215 -13.25 -9.46 -32.91
CA TYR E 215 -14.15 -8.99 -31.86
C TYR E 215 -14.83 -7.69 -32.27
N GLY E 216 -16.14 -7.76 -32.42
CA GLY E 216 -16.94 -6.60 -32.81
C GLY E 216 -18.31 -6.64 -32.15
N LEU E 217 -19.34 -6.34 -32.94
CA LEU E 217 -20.70 -6.26 -32.44
C LEU E 217 -21.21 -7.62 -31.97
N SER E 218 -22.33 -7.59 -31.25
CA SER E 218 -23.00 -8.82 -30.85
C SER E 218 -24.47 -8.73 -31.22
N GLU E 219 -25.23 -9.80 -30.92
CA GLU E 219 -26.68 -9.77 -31.13
C GLU E 219 -27.28 -8.65 -30.29
N ASN E 220 -26.72 -8.45 -29.10
CA ASN E 220 -27.09 -7.38 -28.19
C ASN E 220 -27.21 -6.00 -28.85
N ASP E 221 -26.18 -5.61 -29.60
CA ASP E 221 -26.21 -4.37 -30.35
C ASP E 221 -27.10 -4.51 -31.57
N GLU E 222 -27.66 -3.40 -32.03
CA GLU E 222 -28.53 -3.44 -33.20
C GLU E 222 -27.97 -2.63 -34.37
N TRP E 223 -28.31 -3.07 -35.57
CA TRP E 223 -27.62 -2.67 -36.78
C TRP E 223 -28.63 -2.37 -37.84
N THR E 224 -28.61 -1.14 -38.35
CA THR E 224 -29.56 -0.72 -39.37
C THR E 224 -28.84 -0.03 -40.53
N GLN E 225 -27.99 -0.79 -41.21
CA GLN E 225 -27.13 -0.24 -42.24
C GLN E 225 -27.12 -1.13 -43.47
N ASP E 226 -26.78 -0.54 -44.61
CA ASP E 226 -26.67 -1.22 -45.89
C ASP E 226 -25.90 -2.53 -45.80
N ARG E 227 -24.67 -2.43 -45.31
CA ARG E 227 -23.74 -3.55 -45.18
C ARG E 227 -24.29 -4.68 -44.29
N ALA E 228 -23.53 -5.76 -44.18
CA ALA E 228 -23.83 -6.82 -43.23
C ALA E 228 -23.36 -6.45 -41.82
N LYS E 229 -24.05 -6.96 -40.81
CA LYS E 229 -23.75 -6.65 -39.41
C LYS E 229 -22.41 -7.26 -38.98
N PRO E 230 -21.43 -6.41 -38.67
CA PRO E 230 -20.05 -6.83 -38.37
C PRO E 230 -19.91 -7.46 -36.99
N VAL E 231 -20.42 -8.68 -36.83
CA VAL E 231 -20.43 -9.36 -35.53
C VAL E 231 -19.10 -10.03 -35.20
N THR E 232 -18.92 -10.32 -33.92
CA THR E 232 -17.79 -11.10 -33.45
C THR E 232 -17.72 -12.46 -34.15
N GLN E 233 -16.69 -12.62 -34.99
CA GLN E 233 -16.63 -13.74 -35.92
C GLN E 233 -15.21 -14.22 -36.17
N ILE E 234 -15.10 -15.44 -36.68
CA ILE E 234 -13.85 -15.94 -37.24
C ILE E 234 -13.92 -15.81 -38.75
N VAL E 235 -12.92 -15.17 -39.35
CA VAL E 235 -12.74 -15.28 -40.78
C VAL E 235 -11.39 -15.92 -41.17
N SER E 236 -11.42 -16.80 -42.16
CA SER E 236 -10.29 -17.67 -42.46
C SER E 236 -9.87 -17.59 -43.92
N ALA E 237 -8.61 -17.96 -44.17
CA ALA E 237 -8.15 -18.29 -45.51
C ALA E 237 -7.31 -19.56 -45.42
N GLU E 238 -7.28 -20.32 -46.52
CA GLU E 238 -6.69 -21.65 -46.50
C GLU E 238 -5.83 -21.89 -47.73
N ALA E 239 -4.98 -22.92 -47.66
CA ALA E 239 -4.09 -23.26 -48.76
C ALA E 239 -3.65 -24.71 -48.64
N TRP E 240 -3.68 -25.42 -49.77
CA TRP E 240 -3.17 -26.78 -49.86
C TRP E 240 -1.73 -26.79 -50.32
N GLY E 241 -1.00 -27.82 -49.91
CA GLY E 241 0.37 -28.03 -50.39
C GLY E 241 0.49 -28.17 -51.89
N ARG E 242 1.70 -27.97 -52.42
CA ARG E 242 1.92 -27.93 -53.86
C ARG E 242 3.07 -28.85 -54.29
N ALA E 243 2.80 -29.74 -55.24
CA ALA E 243 3.81 -30.66 -55.77
C ALA E 243 4.91 -29.92 -56.56
N ASP E 244 4.49 -29.14 -57.56
CA ASP E 244 5.39 -28.34 -58.39
C ASP E 244 6.30 -29.15 -59.32
CO CO F . 13.91 4.98 -26.30
CO CO G . -7.32 -10.16 -26.81
CO CO H . -15.44 -18.53 -10.90
#